data_5OQZ
# 
_entry.id   5OQZ 
# 
_audit_conform.dict_name       mmcif_pdbx.dic 
_audit_conform.dict_version    5.391 
_audit_conform.dict_location   http://mmcif.pdb.org/dictionaries/ascii/mmcif_pdbx.dic 
# 
loop_
_database_2.database_id 
_database_2.database_code 
_database_2.pdbx_database_accession 
_database_2.pdbx_DOI 
PDB   5OQZ         pdb_00005oqz 10.2210/pdb5oqz/pdb 
WWPDB D_1200006137 ?            ?                   
# 
loop_
_pdbx_audit_revision_history.ordinal 
_pdbx_audit_revision_history.data_content_type 
_pdbx_audit_revision_history.major_revision 
_pdbx_audit_revision_history.minor_revision 
_pdbx_audit_revision_history.revision_date 
1 'Structure model' 1 0 2018-02-07 
2 'Structure model' 1 1 2018-02-14 
3 'Structure model' 1 2 2018-03-07 
4 'Structure model' 1 3 2019-05-08 
5 'Structure model' 1 4 2019-10-16 
6 'Structure model' 1 5 2024-05-08 
# 
_pdbx_audit_revision_details.ordinal             1 
_pdbx_audit_revision_details.revision_ordinal    1 
_pdbx_audit_revision_details.data_content_type   'Structure model' 
_pdbx_audit_revision_details.provider            repository 
_pdbx_audit_revision_details.type                'Initial release' 
_pdbx_audit_revision_details.description         ? 
_pdbx_audit_revision_details.details             ? 
# 
loop_
_pdbx_audit_revision_group.ordinal 
_pdbx_audit_revision_group.revision_ordinal 
_pdbx_audit_revision_group.data_content_type 
_pdbx_audit_revision_group.group 
1 2 'Structure model' 'Database references'  
2 3 'Structure model' 'Database references'  
3 4 'Structure model' Advisory               
4 4 'Structure model' 'Data collection'      
5 4 'Structure model' 'Derived calculations' 
6 5 'Structure model' 'Data collection'      
7 6 'Structure model' 'Data collection'      
8 6 'Structure model' 'Database references'  
# 
loop_
_pdbx_audit_revision_category.ordinal 
_pdbx_audit_revision_category.revision_ordinal 
_pdbx_audit_revision_category.data_content_type 
_pdbx_audit_revision_category.category 
1  2 'Structure model' citation                     
2  2 'Structure model' citation_author              
3  3 'Structure model' citation                     
4  4 'Structure model' database_PDB_remark          
5  4 'Structure model' pdbx_unobs_or_zero_occ_atoms 
6  4 'Structure model' pdbx_validate_close_contact  
7  4 'Structure model' struct_conn                  
8  4 'Structure model' struct_conn_type             
9  5 'Structure model' reflns_shell                 
10 6 'Structure model' chem_comp_atom               
11 6 'Structure model' chem_comp_bond               
12 6 'Structure model' database_2                   
# 
loop_
_pdbx_audit_revision_item.ordinal 
_pdbx_audit_revision_item.revision_ordinal 
_pdbx_audit_revision_item.data_content_type 
_pdbx_audit_revision_item.item 
1  2 'Structure model' '_citation.journal_id_CSD'            
2  2 'Structure model' '_citation.journal_id_ISSN'           
3  2 'Structure model' '_citation.pdbx_database_id_DOI'      
4  2 'Structure model' '_citation.pdbx_database_id_PubMed'   
5  2 'Structure model' '_citation.title'                     
6  2 'Structure model' '_citation_author.name'               
7  3 'Structure model' '_citation.journal_volume'            
8  3 'Structure model' '_citation.page_first'                
9  3 'Structure model' '_citation.page_last'                 
10 4 'Structure model' '_database_PDB_remark.text'           
11 6 'Structure model' '_database_2.pdbx_DOI'                
12 6 'Structure model' '_database_2.pdbx_database_accession' 
# 
_pdbx_database_status.status_code                     REL 
_pdbx_database_status.status_code_sf                  REL 
_pdbx_database_status.status_code_mr                  ? 
_pdbx_database_status.entry_id                        5OQZ 
_pdbx_database_status.recvd_initial_deposition_date   2017-08-14 
_pdbx_database_status.SG_entry                        N 
_pdbx_database_status.deposit_site                    PDBE 
_pdbx_database_status.process_site                    PDBE 
_pdbx_database_status.status_code_cs                  ? 
_pdbx_database_status.methods_development_category    ? 
_pdbx_database_status.pdb_format_compatible           Y 
_pdbx_database_status.status_code_nmr_data            ? 
# 
loop_
_audit_author.name 
_audit_author.pdbx_ordinal 
_audit_author.identifier_ORCID 
'Fage, C.D.'     1 ? 
'Hegemann, J.D.' 2 ? 
'Marahiel, M.A.' 3 ? 
# 
_citation.abstract                  ? 
_citation.abstract_id_CAS           ? 
_citation.book_id_ISBN              ? 
_citation.book_publisher            ? 
_citation.book_publisher_city       ? 
_citation.book_title                ? 
_citation.coordinate_linkage        ? 
_citation.country                   ? 
_citation.database_id_Medline       ? 
_citation.details                   ? 
_citation.id                        primary 
_citation.journal_abbrev            Analyst 
_citation.journal_id_ASTM           ? 
_citation.journal_id_CSD            ? 
_citation.journal_id_ISSN           1364-5528 
_citation.journal_full              ? 
_citation.journal_issue             ? 
_citation.journal_volume            143 
_citation.language                  ? 
_citation.page_first                1157 
_citation.page_last                 1170 
_citation.title                     'General rules of fragmentation evidencing lasso structures in CID and ETD.' 
_citation.year                      2018 
_citation.database_id_CSD           ? 
_citation.pdbx_database_id_DOI      10.1039/c7an02052j 
_citation.pdbx_database_id_PubMed   29404537 
_citation.unpublished_flag          ? 
# 
loop_
_citation_author.citation_id 
_citation_author.name 
_citation_author.ordinal 
_citation_author.identifier_ORCID 
primary 'Jeanne Dit Fouque, K.' 1 ? 
primary 'Lavanant, H.'          2 ? 
primary 'Zirah, S.'             3 ? 
primary 'Hegemann, J.D.'        4 ? 
primary 'Fage, C.D.'            5 ? 
primary 'Marahiel, M.A.'        6 ? 
primary 'Rebuffat, S.'          7 ? 
primary 'Afonso, C.'            8 ? 
# 
loop_
_entity.id 
_entity.type 
_entity.src_method 
_entity.pdbx_description 
_entity.formula_weight 
_entity.pdbx_number_of_molecules 
_entity.pdbx_ec 
_entity.pdbx_mutation 
_entity.pdbx_fragment 
_entity.details 
1 polymer man Rubrivinodin 1913.073 1  ? ? 'UNP residues 21-38' 'Isopeptide bond between Gly1N and Glu9CD' 
2 water   nat water        18.015   12 ? ? ?                    ?                                          
# 
_entity_poly.entity_id                      1 
_entity_poly.type                           'polypeptide(L)' 
_entity_poly.nstd_linkage                   no 
_entity_poly.nstd_monomer                   no 
_entity_poly.pdbx_seq_one_letter_code       GAPSLINSEDNPAFPQRV 
_entity_poly.pdbx_seq_one_letter_code_can   GAPSLINSEDNPAFPQRV 
_entity_poly.pdbx_strand_id                 A 
_entity_poly.pdbx_target_identifier         ? 
# 
_pdbx_entity_nonpoly.entity_id   2 
_pdbx_entity_nonpoly.name        water 
_pdbx_entity_nonpoly.comp_id     HOH 
# 
loop_
_entity_poly_seq.entity_id 
_entity_poly_seq.num 
_entity_poly_seq.mon_id 
_entity_poly_seq.hetero 
1 1  GLY n 
1 2  ALA n 
1 3  PRO n 
1 4  SER n 
1 5  LEU n 
1 6  ILE n 
1 7  ASN n 
1 8  SER n 
1 9  GLU n 
1 10 ASP n 
1 11 ASN n 
1 12 PRO n 
1 13 ALA n 
1 14 PHE n 
1 15 PRO n 
1 16 GLN n 
1 17 ARG n 
1 18 VAL n 
# 
_entity_src_gen.entity_id                          1 
_entity_src_gen.pdbx_src_id                        1 
_entity_src_gen.pdbx_alt_source_flag               sample 
_entity_src_gen.pdbx_seq_type                      'Biological sequence' 
_entity_src_gen.pdbx_beg_seq_num                   1 
_entity_src_gen.pdbx_end_seq_num                   18 
_entity_src_gen.gene_src_common_name               ? 
_entity_src_gen.gene_src_genus                     ? 
_entity_src_gen.pdbx_gene_src_gene                 RGE_06990 
_entity_src_gen.gene_src_species                   ? 
_entity_src_gen.gene_src_strain                    ? 
_entity_src_gen.gene_src_tissue                    ? 
_entity_src_gen.gene_src_tissue_fraction           ? 
_entity_src_gen.gene_src_details                   ? 
_entity_src_gen.pdbx_gene_src_fragment             ? 
_entity_src_gen.pdbx_gene_src_scientific_name      'Rubrivivax gelatinosus IL144' 
_entity_src_gen.pdbx_gene_src_ncbi_taxonomy_id     983917 
_entity_src_gen.pdbx_gene_src_variant              ? 
_entity_src_gen.pdbx_gene_src_cell_line            ? 
_entity_src_gen.pdbx_gene_src_atcc                 ? 
_entity_src_gen.pdbx_gene_src_organ                ? 
_entity_src_gen.pdbx_gene_src_organelle            ? 
_entity_src_gen.pdbx_gene_src_cell                 ? 
_entity_src_gen.pdbx_gene_src_cellular_location    ? 
_entity_src_gen.host_org_common_name               ? 
_entity_src_gen.pdbx_host_org_scientific_name      'Escherichia coli BL21(DE3)' 
_entity_src_gen.pdbx_host_org_ncbi_taxonomy_id     469008 
_entity_src_gen.host_org_genus                     ? 
_entity_src_gen.pdbx_host_org_gene                 ? 
_entity_src_gen.pdbx_host_org_organ                ? 
_entity_src_gen.host_org_species                   ? 
_entity_src_gen.pdbx_host_org_tissue               ? 
_entity_src_gen.pdbx_host_org_tissue_fraction      ? 
_entity_src_gen.pdbx_host_org_strain               ? 
_entity_src_gen.pdbx_host_org_variant              ? 
_entity_src_gen.pdbx_host_org_cell_line            ? 
_entity_src_gen.pdbx_host_org_atcc                 ? 
_entity_src_gen.pdbx_host_org_culture_collection   ? 
_entity_src_gen.pdbx_host_org_cell                 ? 
_entity_src_gen.pdbx_host_org_organelle            ? 
_entity_src_gen.pdbx_host_org_cellular_location    ? 
_entity_src_gen.pdbx_host_org_vector_type          ? 
_entity_src_gen.pdbx_host_org_vector               ? 
_entity_src_gen.host_org_details                   ? 
_entity_src_gen.expression_system_id               ? 
_entity_src_gen.plasmid_name                       ? 
_entity_src_gen.plasmid_details                    ? 
_entity_src_gen.pdbx_description                   ? 
# 
loop_
_chem_comp.id 
_chem_comp.type 
_chem_comp.mon_nstd_flag 
_chem_comp.name 
_chem_comp.pdbx_synonyms 
_chem_comp.formula 
_chem_comp.formula_weight 
ALA 'L-peptide linking' y ALANINE         ? 'C3 H7 N O2'     89.093  
ARG 'L-peptide linking' y ARGININE        ? 'C6 H15 N4 O2 1' 175.209 
ASN 'L-peptide linking' y ASPARAGINE      ? 'C4 H8 N2 O3'    132.118 
ASP 'L-peptide linking' y 'ASPARTIC ACID' ? 'C4 H7 N O4'     133.103 
GLN 'L-peptide linking' y GLUTAMINE       ? 'C5 H10 N2 O3'   146.144 
GLU 'L-peptide linking' y 'GLUTAMIC ACID' ? 'C5 H9 N O4'     147.129 
GLY 'peptide linking'   y GLYCINE         ? 'C2 H5 N O2'     75.067  
HOH non-polymer         . WATER           ? 'H2 O'           18.015  
ILE 'L-peptide linking' y ISOLEUCINE      ? 'C6 H13 N O2'    131.173 
LEU 'L-peptide linking' y LEUCINE         ? 'C6 H13 N O2'    131.173 
PHE 'L-peptide linking' y PHENYLALANINE   ? 'C9 H11 N O2'    165.189 
PRO 'L-peptide linking' y PROLINE         ? 'C5 H9 N O2'     115.130 
SER 'L-peptide linking' y SERINE          ? 'C3 H7 N O3'     105.093 
VAL 'L-peptide linking' y VALINE          ? 'C5 H11 N O2'    117.146 
# 
loop_
_pdbx_poly_seq_scheme.asym_id 
_pdbx_poly_seq_scheme.entity_id 
_pdbx_poly_seq_scheme.seq_id 
_pdbx_poly_seq_scheme.mon_id 
_pdbx_poly_seq_scheme.ndb_seq_num 
_pdbx_poly_seq_scheme.pdb_seq_num 
_pdbx_poly_seq_scheme.auth_seq_num 
_pdbx_poly_seq_scheme.pdb_mon_id 
_pdbx_poly_seq_scheme.auth_mon_id 
_pdbx_poly_seq_scheme.pdb_strand_id 
_pdbx_poly_seq_scheme.pdb_ins_code 
_pdbx_poly_seq_scheme.hetero 
A 1 1  GLY 1  1  1  GLY GLY A . n 
A 1 2  ALA 2  2  2  ALA ALA A . n 
A 1 3  PRO 3  3  3  PRO PRO A . n 
A 1 4  SER 4  4  4  SER SER A . n 
A 1 5  LEU 5  5  5  LEU LEU A . n 
A 1 6  ILE 6  6  6  ILE ILE A . n 
A 1 7  ASN 7  7  7  ASN ASN A . n 
A 1 8  SER 8  8  8  SER SER A . n 
A 1 9  GLU 9  9  9  GLU GLU A . n 
A 1 10 ASP 10 10 10 ASP ASP A . n 
A 1 11 ASN 11 11 11 ASN ASN A . n 
A 1 12 PRO 12 12 12 PRO PRO A . n 
A 1 13 ALA 13 13 13 ALA ALA A . n 
A 1 14 PHE 14 14 14 PHE PHE A . n 
A 1 15 PRO 15 15 15 PRO PRO A . n 
A 1 16 GLN 16 16 16 GLN GLN A . n 
A 1 17 ARG 17 17 17 ARG ARG A . n 
A 1 18 VAL 18 18 18 VAL VAL A . n 
# 
loop_
_pdbx_nonpoly_scheme.asym_id 
_pdbx_nonpoly_scheme.entity_id 
_pdbx_nonpoly_scheme.mon_id 
_pdbx_nonpoly_scheme.ndb_seq_num 
_pdbx_nonpoly_scheme.pdb_seq_num 
_pdbx_nonpoly_scheme.auth_seq_num 
_pdbx_nonpoly_scheme.pdb_mon_id 
_pdbx_nonpoly_scheme.auth_mon_id 
_pdbx_nonpoly_scheme.pdb_strand_id 
_pdbx_nonpoly_scheme.pdb_ins_code 
B 2 HOH 1  101 6  HOH HOH A . 
B 2 HOH 2  102 1  HOH HOH A . 
B 2 HOH 3  103 34 HOH HOH A . 
B 2 HOH 4  104 33 HOH HOH A . 
B 2 HOH 5  105 3  HOH HOH A . 
B 2 HOH 6  106 2  HOH HOH A . 
B 2 HOH 7  107 7  HOH HOH A . 
B 2 HOH 8  108 8  HOH HOH A . 
B 2 HOH 9  109 30 HOH HOH A . 
B 2 HOH 10 110 32 HOH HOH A . 
B 2 HOH 11 111 22 HOH HOH A . 
B 2 HOH 12 112 25 HOH HOH A . 
# 
_pdbx_unobs_or_zero_occ_atoms.id               1 
_pdbx_unobs_or_zero_occ_atoms.PDB_model_num    1 
_pdbx_unobs_or_zero_occ_atoms.polymer_flag     Y 
_pdbx_unobs_or_zero_occ_atoms.occupancy_flag   1 
_pdbx_unobs_or_zero_occ_atoms.auth_asym_id     A 
_pdbx_unobs_or_zero_occ_atoms.auth_comp_id     GLU 
_pdbx_unobs_or_zero_occ_atoms.auth_seq_id      9 
_pdbx_unobs_or_zero_occ_atoms.PDB_ins_code     ? 
_pdbx_unobs_or_zero_occ_atoms.auth_atom_id     OE2 
_pdbx_unobs_or_zero_occ_atoms.label_alt_id     ? 
_pdbx_unobs_or_zero_occ_atoms.label_asym_id    A 
_pdbx_unobs_or_zero_occ_atoms.label_comp_id    GLU 
_pdbx_unobs_or_zero_occ_atoms.label_seq_id     9 
_pdbx_unobs_or_zero_occ_atoms.label_atom_id    OE2 
# 
loop_
_software.citation_id 
_software.classification 
_software.compiler_name 
_software.compiler_version 
_software.contact_author 
_software.contact_author_email 
_software.date 
_software.description 
_software.dependencies 
_software.hardware 
_software.language 
_software.location 
_software.mods 
_software.name 
_software.os 
_software.os_version 
_software.type 
_software.version 
_software.pdbx_ordinal 
? refinement        ? ? ? ? ? ? ? ? ? ? ? REFMAC      ? ? ? 5.8.0158                 1 
? 'data scaling'    ? ? ? ? ? ? ? ? ? ? ? XPREP       ? ? ? 'v. 2014/2'              2 
? 'data extraction' ? ? ? ? ? ? ? ? ? ? ? PDB_EXTRACT ? ? ? 3.22                     3 
? 'data reduction'  ? ? ? ? ? ? ? ? ? ? ? XDS         ? ? ? 'VERSION March 30, 2013' 4 
? phasing           ? ? ? ? ? ? ? ? ? ? ? SHELXDE     ? ? ? .                        5 
# 
_cell.angle_alpha                  90.000 
_cell.angle_alpha_esd              ? 
_cell.angle_beta                   116.760 
_cell.angle_beta_esd               ? 
_cell.angle_gamma                  90.000 
_cell.angle_gamma_esd              ? 
_cell.entry_id                     5OQZ 
_cell.details                      ? 
_cell.formula_units_Z              ? 
_cell.length_a                     15.034 
_cell.length_a_esd                 ? 
_cell.length_b                     27.243 
_cell.length_b_esd                 ? 
_cell.length_c                     15.174 
_cell.length_c_esd                 ? 
_cell.volume                       ? 
_cell.volume_esd                   ? 
_cell.Z_PDB                        2 
_cell.reciprocal_angle_alpha       ? 
_cell.reciprocal_angle_beta        ? 
_cell.reciprocal_angle_gamma       ? 
_cell.reciprocal_angle_alpha_esd   ? 
_cell.reciprocal_angle_beta_esd    ? 
_cell.reciprocal_angle_gamma_esd   ? 
_cell.reciprocal_length_a          ? 
_cell.reciprocal_length_b          ? 
_cell.reciprocal_length_c          ? 
_cell.reciprocal_length_a_esd      ? 
_cell.reciprocal_length_b_esd      ? 
_cell.reciprocal_length_c_esd      ? 
_cell.pdbx_unique_axis             ? 
# 
_symmetry.entry_id                         5OQZ 
_symmetry.cell_setting                     ? 
_symmetry.Int_Tables_number                4 
_symmetry.space_group_name_Hall            ? 
_symmetry.space_group_name_H-M             'P 1 21 1' 
_symmetry.pdbx_full_space_group_name_H-M   ? 
# 
_exptl.absorpt_coefficient_mu     ? 
_exptl.absorpt_correction_T_max   ? 
_exptl.absorpt_correction_T_min   ? 
_exptl.absorpt_correction_type    ? 
_exptl.absorpt_process_details    ? 
_exptl.entry_id                   5OQZ 
_exptl.crystals_number            1 
_exptl.details                    ? 
_exptl.method                     'X-RAY DIFFRACTION' 
_exptl.method_details             ? 
# 
_exptl_crystal.colour                      ? 
_exptl_crystal.density_diffrn              ? 
_exptl_crystal.density_Matthews            1.45 
_exptl_crystal.density_method              ? 
_exptl_crystal.density_percent_sol         15.19 
_exptl_crystal.description                 Prismatic 
_exptl_crystal.F_000                       ? 
_exptl_crystal.id                          1 
_exptl_crystal.preparation                 ? 
_exptl_crystal.size_max                    ? 
_exptl_crystal.size_mid                    ? 
_exptl_crystal.size_min                    ? 
_exptl_crystal.size_rad                    ? 
_exptl_crystal.colour_lustre               ? 
_exptl_crystal.colour_modifier             ? 
_exptl_crystal.colour_primary              ? 
_exptl_crystal.density_meas                ? 
_exptl_crystal.density_meas_esd            ? 
_exptl_crystal.density_meas_gt             ? 
_exptl_crystal.density_meas_lt             ? 
_exptl_crystal.density_meas_temp           ? 
_exptl_crystal.density_meas_temp_esd       ? 
_exptl_crystal.density_meas_temp_gt        ? 
_exptl_crystal.density_meas_temp_lt        ? 
_exptl_crystal.pdbx_crystal_image_url      ? 
_exptl_crystal.pdbx_crystal_image_format   ? 
_exptl_crystal.pdbx_mosaicity              ? 
_exptl_crystal.pdbx_mosaicity_esd          ? 
# 
_exptl_crystal_grow.apparatus       ? 
_exptl_crystal_grow.atmosphere      ? 
_exptl_crystal_grow.crystal_id      1 
_exptl_crystal_grow.details         ? 
_exptl_crystal_grow.method          'VAPOR DIFFUSION, SITTING DROP' 
_exptl_crystal_grow.method_ref      ? 
_exptl_crystal_grow.pH              4.6 
_exptl_crystal_grow.pressure        ? 
_exptl_crystal_grow.pressure_esd    ? 
_exptl_crystal_grow.seeding         ? 
_exptl_crystal_grow.seeding_ref     ? 
_exptl_crystal_grow.temp            291.15 
_exptl_crystal_grow.temp_details    ? 
_exptl_crystal_grow.temp_esd        ? 
_exptl_crystal_grow.time            ? 
_exptl_crystal_grow.pdbx_details    '0.7 M sodium acetate pH 4.6, 30%(v/v) glycerol, 4.6%(w/v) PEG 4000' 
_exptl_crystal_grow.pdbx_pH_range   ? 
# 
_diffrn.ambient_environment    ? 
_diffrn.ambient_temp           100 
_diffrn.ambient_temp_details   ? 
_diffrn.ambient_temp_esd       ? 
_diffrn.crystal_id             1 
_diffrn.crystal_support        ? 
_diffrn.crystal_treatment      ? 
_diffrn.details                ? 
_diffrn.id                     1 
_diffrn.ambient_pressure       ? 
_diffrn.ambient_pressure_esd   ? 
_diffrn.ambient_pressure_gt    ? 
_diffrn.ambient_pressure_lt    ? 
_diffrn.ambient_temp_gt        ? 
_diffrn.ambient_temp_lt        ? 
# 
_diffrn_detector.details                      ? 
_diffrn_detector.detector                     PIXEL 
_diffrn_detector.diffrn_id                    1 
_diffrn_detector.type                         'DECTRIS PILATUS 6M' 
_diffrn_detector.area_resol_mean              ? 
_diffrn_detector.dtime                        ? 
_diffrn_detector.pdbx_frames_total            ? 
_diffrn_detector.pdbx_collection_time_total   ? 
_diffrn_detector.pdbx_collection_date         2013-08-03 
# 
_diffrn_radiation.collimation                      ? 
_diffrn_radiation.diffrn_id                        1 
_diffrn_radiation.filter_edge                      ? 
_diffrn_radiation.inhomogeneity                    ? 
_diffrn_radiation.monochromator                    'Si(111)' 
_diffrn_radiation.polarisn_norm                    ? 
_diffrn_radiation.polarisn_ratio                   ? 
_diffrn_radiation.probe                            ? 
_diffrn_radiation.type                             ? 
_diffrn_radiation.xray_symbol                      ? 
_diffrn_radiation.wavelength_id                    1 
_diffrn_radiation.pdbx_monochromatic_or_laue_m_l   M 
_diffrn_radiation.pdbx_wavelength_list             ? 
_diffrn_radiation.pdbx_wavelength                  ? 
_diffrn_radiation.pdbx_diffrn_protocol             'SINGLE WAVELENGTH' 
_diffrn_radiation.pdbx_analyzer                    ? 
_diffrn_radiation.pdbx_scattering_type             x-ray 
# 
_diffrn_radiation_wavelength.id           1 
_diffrn_radiation_wavelength.wavelength   0.799905 
_diffrn_radiation_wavelength.wt           1.0 
# 
_diffrn_source.current                     ? 
_diffrn_source.details                     ? 
_diffrn_source.diffrn_id                   1 
_diffrn_source.power                       ? 
_diffrn_source.size                        ? 
_diffrn_source.source                      SYNCHROTRON 
_diffrn_source.target                      ? 
_diffrn_source.type                        'BESSY BEAMLINE 14.1' 
_diffrn_source.voltage                     ? 
_diffrn_source.take-off_angle              ? 
_diffrn_source.pdbx_wavelength_list        0.799905 
_diffrn_source.pdbx_wavelength             ? 
_diffrn_source.pdbx_synchrotron_beamline   14.1 
_diffrn_source.pdbx_synchrotron_site       BESSY 
# 
_reflns.B_iso_Wilson_estimate            ? 
_reflns.entry_id                         5OQZ 
_reflns.data_reduction_details           ? 
_reflns.data_reduction_method            ? 
_reflns.d_resolution_high                0.80 
_reflns.d_resolution_low                 50.00 
_reflns.details                          ? 
_reflns.limit_h_max                      ? 
_reflns.limit_h_min                      ? 
_reflns.limit_k_max                      ? 
_reflns.limit_k_min                      ? 
_reflns.limit_l_max                      ? 
_reflns.limit_l_min                      ? 
_reflns.number_all                       ? 
_reflns.number_obs                       9545 
_reflns.observed_criterion               ? 
_reflns.observed_criterion_F_max         ? 
_reflns.observed_criterion_F_min         ? 
_reflns.observed_criterion_I_max         ? 
_reflns.observed_criterion_I_min         ? 
_reflns.observed_criterion_sigma_F       ? 
_reflns.observed_criterion_sigma_I       ? 
_reflns.percent_possible_obs             81.8 
_reflns.R_free_details                   ? 
_reflns.Rmerge_F_all                     ? 
_reflns.Rmerge_F_obs                     ? 
_reflns.Friedel_coverage                 ? 
_reflns.number_gt                        ? 
_reflns.threshold_expression             ? 
_reflns.pdbx_redundancy                  3.00 
_reflns.pdbx_Rmerge_I_obs                ? 
_reflns.pdbx_Rmerge_I_all                ? 
_reflns.pdbx_Rsym_value                  ? 
_reflns.pdbx_netI_over_av_sigmaI         ? 
_reflns.pdbx_netI_over_sigmaI            35.85 
_reflns.pdbx_res_netI_over_av_sigmaI_2   ? 
_reflns.pdbx_res_netI_over_sigmaI_2      ? 
_reflns.pdbx_chi_squared                 ? 
_reflns.pdbx_scaling_rejects             ? 
_reflns.pdbx_d_res_high_opt              ? 
_reflns.pdbx_d_res_low_opt               ? 
_reflns.pdbx_d_res_opt_method            ? 
_reflns.phase_calculation_details        ? 
_reflns.pdbx_Rrim_I_all                  ? 
_reflns.pdbx_Rpim_I_all                  ? 
_reflns.pdbx_d_opt                       ? 
_reflns.pdbx_number_measured_all         ? 
_reflns.pdbx_diffrn_id                   1 
_reflns.pdbx_ordinal                     1 
_reflns.pdbx_CC_half                     1.00 
_reflns.pdbx_R_split                     ? 
# 
_refine.aniso_B[1][1]                            -0.0600 
_refine.aniso_B[1][2]                            0.0000 
_refine.aniso_B[1][3]                            -0.0800 
_refine.aniso_B[2][2]                            0.0500 
_refine.aniso_B[2][3]                            0.0000 
_refine.aniso_B[3][3]                            0.0600 
_refine.B_iso_max                                16.090 
_refine.B_iso_mean                               3.9330 
_refine.B_iso_min                                1.740 
_refine.correlation_coeff_Fo_to_Fc               0.9900 
_refine.correlation_coeff_Fo_to_Fc_free          0.9880 
_refine.details                                  
'HYDROGENS HAVE BEEN ADDED IN THE RIDING POSITIONS U VALUES      : REFINED INDIVIDUALLY' 
_refine.diff_density_max                         ? 
_refine.diff_density_max_esd                     ? 
_refine.diff_density_min                         ? 
_refine.diff_density_min_esd                     ? 
_refine.diff_density_rms                         ? 
_refine.diff_density_rms_esd                     ? 
_refine.entry_id                                 5OQZ 
_refine.pdbx_refine_id                           'X-RAY DIFFRACTION' 
_refine.ls_abs_structure_details                 ? 
_refine.ls_abs_structure_Flack                   ? 
_refine.ls_abs_structure_Flack_esd               ? 
_refine.ls_abs_structure_Rogers                  ? 
_refine.ls_abs_structure_Rogers_esd              ? 
_refine.ls_d_res_high                            0.806 
_refine.ls_d_res_low                             13.622 
_refine.ls_extinction_coef                       ? 
_refine.ls_extinction_coef_esd                   ? 
_refine.ls_extinction_expression                 ? 
_refine.ls_extinction_method                     ? 
_refine.ls_goodness_of_fit_all                   ? 
_refine.ls_goodness_of_fit_all_esd               ? 
_refine.ls_goodness_of_fit_obs                   ? 
_refine.ls_goodness_of_fit_obs_esd               ? 
_refine.ls_hydrogen_treatment                    ? 
_refine.ls_matrix_type                           ? 
_refine.ls_number_constraints                    ? 
_refine.ls_number_parameters                     ? 
_refine.ls_number_reflns_all                     ? 
_refine.ls_number_reflns_obs                     9038 
_refine.ls_number_reflns_R_free                  470 
_refine.ls_number_reflns_R_work                  ? 
_refine.ls_number_restraints                     ? 
_refine.ls_percent_reflns_obs                    83.71 
_refine.ls_percent_reflns_R_free                 4.9000 
_refine.ls_R_factor_all                          ? 
_refine.ls_R_factor_obs                          0.0848 
_refine.ls_R_factor_R_free                       0.0913 
_refine.ls_R_factor_R_free_error                 ? 
_refine.ls_R_factor_R_free_error_details         ? 
_refine.ls_R_factor_R_work                       0.0844 
_refine.ls_R_Fsqd_factor_obs                     ? 
_refine.ls_R_I_factor_obs                        ? 
_refine.ls_redundancy_reflns_all                 ? 
_refine.ls_redundancy_reflns_obs                 ? 
_refine.ls_restrained_S_all                      ? 
_refine.ls_restrained_S_obs                      ? 
_refine.ls_shift_over_esd_max                    ? 
_refine.ls_shift_over_esd_mean                   ? 
_refine.ls_structure_factor_coef                 ? 
_refine.ls_weighting_details                     ? 
_refine.ls_weighting_scheme                      ? 
_refine.ls_wR_factor_all                         ? 
_refine.ls_wR_factor_obs                         ? 
_refine.ls_wR_factor_R_free                      ? 
_refine.ls_wR_factor_R_work                      ? 
_refine.occupancy_max                            ? 
_refine.occupancy_min                            ? 
_refine.solvent_model_details                    ? 
_refine.solvent_model_param_bsol                 ? 
_refine.solvent_model_param_ksol                 ? 
_refine.ls_R_factor_gt                           ? 
_refine.ls_goodness_of_fit_gt                    ? 
_refine.ls_goodness_of_fit_ref                   ? 
_refine.ls_shift_over_su_max                     ? 
_refine.ls_shift_over_su_max_lt                  ? 
_refine.ls_shift_over_su_mean                    ? 
_refine.ls_shift_over_su_mean_lt                 ? 
_refine.pdbx_ls_sigma_I                          ? 
_refine.pdbx_ls_sigma_F                          0.000 
_refine.pdbx_ls_sigma_Fsqd                       ? 
_refine.pdbx_data_cutoff_high_absF               ? 
_refine.pdbx_data_cutoff_high_rms_absF           ? 
_refine.pdbx_data_cutoff_low_absF                ? 
_refine.pdbx_isotropic_thermal_model             ? 
_refine.pdbx_ls_cross_valid_method               THROUGHOUT 
_refine.pdbx_method_to_determine_struct          'AB INITIO PHASING' 
_refine.pdbx_starting_model                      ? 
_refine.pdbx_stereochemistry_target_values       ? 
_refine.pdbx_R_Free_selection_details            RANDOM 
_refine.pdbx_stereochem_target_val_spec_case     ? 
_refine.pdbx_overall_ESU_R                       0.0100 
_refine.pdbx_overall_ESU_R_Free                  0.0100 
_refine.pdbx_solvent_vdw_probe_radii             1.7000 
_refine.pdbx_solvent_ion_probe_radii             0.8000 
_refine.pdbx_solvent_shrinkage_radii             0.8000 
_refine.pdbx_real_space_R                        ? 
_refine.pdbx_density_correlation                 ? 
_refine.pdbx_pd_number_of_powder_patterns        ? 
_refine.pdbx_pd_number_of_points                 ? 
_refine.pdbx_pd_meas_number_of_points            ? 
_refine.pdbx_pd_proc_ls_prof_R_factor            ? 
_refine.pdbx_pd_proc_ls_prof_wR_factor           ? 
_refine.pdbx_pd_Marquardt_correlation_coeff      ? 
_refine.pdbx_pd_Fsqrd_R_factor                   ? 
_refine.pdbx_pd_ls_matrix_band_width             ? 
_refine.pdbx_overall_phase_error                 ? 
_refine.pdbx_overall_SU_R_free_Cruickshank_DPI   ? 
_refine.pdbx_overall_SU_R_free_Blow_DPI          ? 
_refine.pdbx_overall_SU_R_Blow_DPI               ? 
_refine.pdbx_TLS_residual_ADP_flag               ? 
_refine.pdbx_diffrn_id                           1 
_refine.overall_SU_B                             0.1920 
_refine.overall_SU_ML                            0.0060 
_refine.overall_SU_R_Cruickshank_DPI             0.0104 
_refine.overall_SU_R_free                        ? 
_refine.overall_FOM_free_R_set                   ? 
_refine.overall_FOM_work_R_set                   ? 
_refine.pdbx_average_fsc_overall                 ? 
_refine.pdbx_average_fsc_work                    ? 
_refine.pdbx_average_fsc_free                    ? 
# 
_refine_hist.cycle_id                         final 
_refine_hist.pdbx_refine_id                   'X-RAY DIFFRACTION' 
_refine_hist.d_res_high                       0.806 
_refine_hist.d_res_low                        13.622 
_refine_hist.pdbx_number_atoms_ligand         0 
_refine_hist.number_atoms_solvent             16 
_refine_hist.number_atoms_total               150 
_refine_hist.pdbx_number_residues_total       18 
_refine_hist.pdbx_B_iso_mean_solvent          8.51 
_refine_hist.pdbx_number_atoms_protein        134 
_refine_hist.pdbx_number_atoms_nucleic_acid   0 
# 
loop_
_refine_ls_restr.pdbx_refine_id 
_refine_ls_restr.criterion 
_refine_ls_restr.dev_ideal 
_refine_ls_restr.dev_ideal_target 
_refine_ls_restr.number 
_refine_ls_restr.rejects 
_refine_ls_restr.type 
_refine_ls_restr.weight 
_refine_ls_restr.pdbx_restraint_function 
'X-RAY DIFFRACTION' ? 0.014  0.020  144 ? r_bond_refined_d       ? ? 
'X-RAY DIFFRACTION' ? 0.002  0.020  128 ? r_bond_other_d         ? ? 
'X-RAY DIFFRACTION' ? 2.147  2.021  198 ? r_angle_refined_deg    ? ? 
'X-RAY DIFFRACTION' ? 1.105  3.000  303 ? r_angle_other_deg      ? ? 
'X-RAY DIFFRACTION' ? 7.534  5.000  19  ? r_dihedral_angle_1_deg ? ? 
'X-RAY DIFFRACTION' ? 39.758 25.000 6   ? r_dihedral_angle_2_deg ? ? 
'X-RAY DIFFRACTION' ? 12.362 15.000 18  ? r_dihedral_angle_3_deg ? ? 
'X-RAY DIFFRACTION' ? 14.941 15.000 1   ? r_dihedral_angle_4_deg ? ? 
'X-RAY DIFFRACTION' ? 0.096  0.200  21  ? r_chiral_restr         ? ? 
'X-RAY DIFFRACTION' ? 0.012  0.023  162 ? r_gen_planes_refined   ? ? 
'X-RAY DIFFRACTION' ? 0.002  0.020  23  ? r_gen_planes_other     ? ? 
'X-RAY DIFFRACTION' ? 1.516  3.000  272 ? r_rigid_bond_restr     ? ? 
'X-RAY DIFFRACTION' ? 11.269 5.000  8   ? r_sphericity_free      ? ? 
'X-RAY DIFFRACTION' ? 3.984  5.000  274 ? r_sphericity_bonded    ? ? 
# 
_refine_ls_shell.pdbx_refine_id                   'X-RAY DIFFRACTION' 
_refine_ls_shell.d_res_high                       0.8060 
_refine_ls_shell.d_res_low                        0.8270 
_refine_ls_shell.number_reflns_all                187 
_refine_ls_shell.number_reflns_obs                ? 
_refine_ls_shell.number_reflns_R_free             12 
_refine_ls_shell.number_reflns_R_work             175 
_refine_ls_shell.percent_reflns_obs               22.5300 
_refine_ls_shell.percent_reflns_R_free            ? 
_refine_ls_shell.R_factor_all                     ? 
_refine_ls_shell.R_factor_obs                     ? 
_refine_ls_shell.R_factor_R_free                  0.1410 
_refine_ls_shell.R_factor_R_free_error            0.0000 
_refine_ls_shell.R_factor_R_work                  0.1210 
_refine_ls_shell.redundancy_reflns_all            ? 
_refine_ls_shell.redundancy_reflns_obs            ? 
_refine_ls_shell.wR_factor_all                    ? 
_refine_ls_shell.wR_factor_obs                    ? 
_refine_ls_shell.wR_factor_R_free                 ? 
_refine_ls_shell.wR_factor_R_work                 ? 
_refine_ls_shell.pdbx_total_number_of_bins_used   20 
_refine_ls_shell.pdbx_phase_error                 ? 
_refine_ls_shell.pdbx_fsc_work                    ? 
_refine_ls_shell.pdbx_fsc_free                    ? 
# 
_struct.entry_id                     5OQZ 
_struct.title                        'Crystal structure of the lasso peptide rubrivinodin' 
_struct.pdbx_model_details           ? 
_struct.pdbx_formula_weight          ? 
_struct.pdbx_formula_weight_method   ? 
_struct.pdbx_model_type_details      ? 
_struct.pdbx_CASP_flag               N 
# 
_struct_keywords.entry_id        5OQZ 
_struct_keywords.text            
'Lasso peptide, ribosomally synthesized and post-translationally modified peptide, RiPP, UNKNOWN FUNCTION' 
_struct_keywords.pdbx_keywords   'UNKNOWN FUNCTION' 
# 
loop_
_struct_asym.id 
_struct_asym.pdbx_blank_PDB_chainid_flag 
_struct_asym.pdbx_modified 
_struct_asym.entity_id 
_struct_asym.details 
A N N 1 ? 
B N N 2 ? 
# 
_struct_ref.id                         1 
_struct_ref.db_name                    UNP 
_struct_ref.db_code                    I0HM07_RUBGI 
_struct_ref.pdbx_db_accession          I0HM07 
_struct_ref.pdbx_db_isoform            ? 
_struct_ref.entity_id                  1 
_struct_ref.pdbx_seq_one_letter_code   GAPSLINSEDNPAFPQRV 
_struct_ref.pdbx_align_begin           21 
# 
_struct_ref_seq.align_id                      1 
_struct_ref_seq.ref_id                        1 
_struct_ref_seq.pdbx_PDB_id_code              5OQZ 
_struct_ref_seq.pdbx_strand_id                A 
_struct_ref_seq.seq_align_beg                 1 
_struct_ref_seq.pdbx_seq_align_beg_ins_code   ? 
_struct_ref_seq.seq_align_end                 18 
_struct_ref_seq.pdbx_seq_align_end_ins_code   ? 
_struct_ref_seq.pdbx_db_accession             I0HM07 
_struct_ref_seq.db_align_beg                  21 
_struct_ref_seq.pdbx_db_align_beg_ins_code    ? 
_struct_ref_seq.db_align_end                  38 
_struct_ref_seq.pdbx_db_align_end_ins_code    ? 
_struct_ref_seq.pdbx_auth_seq_align_beg       1 
_struct_ref_seq.pdbx_auth_seq_align_end       18 
# 
_pdbx_struct_assembly.id                   1 
_pdbx_struct_assembly.details              author_and_software_defined_assembly 
_pdbx_struct_assembly.method_details       PISA 
_pdbx_struct_assembly.oligomeric_details   monomeric 
_pdbx_struct_assembly.oligomeric_count     1 
# 
loop_
_pdbx_struct_assembly_prop.biol_id 
_pdbx_struct_assembly_prop.type 
_pdbx_struct_assembly_prop.value 
_pdbx_struct_assembly_prop.details 
1 'ABSA (A^2)' 0    ? 
1 MORE         0    ? 
1 'SSA (A^2)'  1610 ? 
# 
_pdbx_struct_assembly_gen.assembly_id       1 
_pdbx_struct_assembly_gen.oper_expression   1 
_pdbx_struct_assembly_gen.asym_id_list      A,B 
# 
_pdbx_struct_assembly_auth_evidence.id                     1 
_pdbx_struct_assembly_auth_evidence.assembly_id            1 
_pdbx_struct_assembly_auth_evidence.experimental_support   none 
_pdbx_struct_assembly_auth_evidence.details                ? 
# 
_pdbx_struct_oper_list.id                   1 
_pdbx_struct_oper_list.type                 'identity operation' 
_pdbx_struct_oper_list.name                 1_555 
_pdbx_struct_oper_list.symmetry_operation   x,y,z 
_pdbx_struct_oper_list.matrix[1][1]         1.0000000000 
_pdbx_struct_oper_list.matrix[1][2]         0.0000000000 
_pdbx_struct_oper_list.matrix[1][3]         0.0000000000 
_pdbx_struct_oper_list.vector[1]            0.0000000000 
_pdbx_struct_oper_list.matrix[2][1]         0.0000000000 
_pdbx_struct_oper_list.matrix[2][2]         1.0000000000 
_pdbx_struct_oper_list.matrix[2][3]         0.0000000000 
_pdbx_struct_oper_list.vector[2]            0.0000000000 
_pdbx_struct_oper_list.matrix[3][1]         0.0000000000 
_pdbx_struct_oper_list.matrix[3][2]         0.0000000000 
_pdbx_struct_oper_list.matrix[3][3]         1.0000000000 
_pdbx_struct_oper_list.vector[3]            0.0000000000 
# 
_struct_sheet.id               AA1 
_struct_sheet.type             ? 
_struct_sheet.number_strands   2 
_struct_sheet.details          ? 
# 
_struct_sheet_order.sheet_id     AA1 
_struct_sheet_order.range_id_1   1 
_struct_sheet_order.range_id_2   2 
_struct_sheet_order.offset       ? 
_struct_sheet_order.sense        anti-parallel 
# 
loop_
_struct_sheet_range.sheet_id 
_struct_sheet_range.id 
_struct_sheet_range.beg_label_comp_id 
_struct_sheet_range.beg_label_asym_id 
_struct_sheet_range.beg_label_seq_id 
_struct_sheet_range.pdbx_beg_PDB_ins_code 
_struct_sheet_range.end_label_comp_id 
_struct_sheet_range.end_label_asym_id 
_struct_sheet_range.end_label_seq_id 
_struct_sheet_range.pdbx_end_PDB_ins_code 
_struct_sheet_range.beg_auth_comp_id 
_struct_sheet_range.beg_auth_asym_id 
_struct_sheet_range.beg_auth_seq_id 
_struct_sheet_range.end_auth_comp_id 
_struct_sheet_range.end_auth_asym_id 
_struct_sheet_range.end_auth_seq_id 
AA1 1 ALA A 2  ? PRO A 3  ? ALA A 2  PRO A 3  
AA1 2 GLN A 16 ? ARG A 17 ? GLN A 16 ARG A 17 
# 
_pdbx_struct_sheet_hbond.sheet_id                AA1 
_pdbx_struct_sheet_hbond.range_id_1              1 
_pdbx_struct_sheet_hbond.range_id_2              2 
_pdbx_struct_sheet_hbond.range_1_label_atom_id   N 
_pdbx_struct_sheet_hbond.range_1_label_comp_id   ALA 
_pdbx_struct_sheet_hbond.range_1_label_asym_id   A 
_pdbx_struct_sheet_hbond.range_1_label_seq_id    2 
_pdbx_struct_sheet_hbond.range_1_PDB_ins_code    ? 
_pdbx_struct_sheet_hbond.range_1_auth_atom_id    N 
_pdbx_struct_sheet_hbond.range_1_auth_comp_id    ALA 
_pdbx_struct_sheet_hbond.range_1_auth_asym_id    A 
_pdbx_struct_sheet_hbond.range_1_auth_seq_id     2 
_pdbx_struct_sheet_hbond.range_2_label_atom_id   O 
_pdbx_struct_sheet_hbond.range_2_label_comp_id   ARG 
_pdbx_struct_sheet_hbond.range_2_label_asym_id   A 
_pdbx_struct_sheet_hbond.range_2_label_seq_id    17 
_pdbx_struct_sheet_hbond.range_2_PDB_ins_code    ? 
_pdbx_struct_sheet_hbond.range_2_auth_atom_id    O 
_pdbx_struct_sheet_hbond.range_2_auth_comp_id    ARG 
_pdbx_struct_sheet_hbond.range_2_auth_asym_id    A 
_pdbx_struct_sheet_hbond.range_2_auth_seq_id     17 
# 
loop_
_pdbx_validate_close_contact.id 
_pdbx_validate_close_contact.PDB_model_num 
_pdbx_validate_close_contact.auth_atom_id_1 
_pdbx_validate_close_contact.auth_asym_id_1 
_pdbx_validate_close_contact.auth_comp_id_1 
_pdbx_validate_close_contact.auth_seq_id_1 
_pdbx_validate_close_contact.PDB_ins_code_1 
_pdbx_validate_close_contact.label_alt_id_1 
_pdbx_validate_close_contact.auth_atom_id_2 
_pdbx_validate_close_contact.auth_asym_id_2 
_pdbx_validate_close_contact.auth_comp_id_2 
_pdbx_validate_close_contact.auth_seq_id_2 
_pdbx_validate_close_contact.PDB_ins_code_2 
_pdbx_validate_close_contact.label_alt_id_2 
_pdbx_validate_close_contact.dist 
1 1 H2 A GLY 1 ? ? CD A GLU 9 ? ? 1.03 
2 1 H1 A GLY 1 ? ? CD A GLU 9 ? ? 1.26 
3 1 N  A GLY 1 ? ? CD A GLU 9 ? ? 1.33 
# 
loop_
_pdbx_validate_torsion.id 
_pdbx_validate_torsion.PDB_model_num 
_pdbx_validate_torsion.auth_comp_id 
_pdbx_validate_torsion.auth_asym_id 
_pdbx_validate_torsion.auth_seq_id 
_pdbx_validate_torsion.PDB_ins_code 
_pdbx_validate_torsion.label_alt_id 
_pdbx_validate_torsion.phi 
_pdbx_validate_torsion.psi 
1 1 ASN A 7  ? ? -91.13  51.96  
2 1 ALA A 13 ? ? -121.17 -51.84 
# 
loop_
_pdbx_distant_solvent_atoms.id 
_pdbx_distant_solvent_atoms.PDB_model_num 
_pdbx_distant_solvent_atoms.auth_atom_id 
_pdbx_distant_solvent_atoms.label_alt_id 
_pdbx_distant_solvent_atoms.auth_asym_id 
_pdbx_distant_solvent_atoms.auth_comp_id 
_pdbx_distant_solvent_atoms.auth_seq_id 
_pdbx_distant_solvent_atoms.PDB_ins_code 
_pdbx_distant_solvent_atoms.neighbor_macromolecule_distance 
_pdbx_distant_solvent_atoms.neighbor_ligand_distance 
1 1 O A A HOH 110 ? 6.03 . 
2 1 O ? A HOH 111 ? 6.49 . 
3 1 O A A HOH 112 ? 7.57 . 
# 
loop_
_chem_comp_atom.comp_id 
_chem_comp_atom.atom_id 
_chem_comp_atom.type_symbol 
_chem_comp_atom.pdbx_aromatic_flag 
_chem_comp_atom.pdbx_stereo_config 
_chem_comp_atom.pdbx_ordinal 
ALA N    N N N 1   
ALA CA   C N S 2   
ALA C    C N N 3   
ALA O    O N N 4   
ALA CB   C N N 5   
ALA OXT  O N N 6   
ALA H    H N N 7   
ALA H2   H N N 8   
ALA HA   H N N 9   
ALA HB1  H N N 10  
ALA HB2  H N N 11  
ALA HB3  H N N 12  
ALA HXT  H N N 13  
ARG N    N N N 14  
ARG CA   C N S 15  
ARG C    C N N 16  
ARG O    O N N 17  
ARG CB   C N N 18  
ARG CG   C N N 19  
ARG CD   C N N 20  
ARG NE   N N N 21  
ARG CZ   C N N 22  
ARG NH1  N N N 23  
ARG NH2  N N N 24  
ARG OXT  O N N 25  
ARG H    H N N 26  
ARG H2   H N N 27  
ARG HA   H N N 28  
ARG HB2  H N N 29  
ARG HB3  H N N 30  
ARG HG2  H N N 31  
ARG HG3  H N N 32  
ARG HD2  H N N 33  
ARG HD3  H N N 34  
ARG HE   H N N 35  
ARG HH11 H N N 36  
ARG HH12 H N N 37  
ARG HH21 H N N 38  
ARG HH22 H N N 39  
ARG HXT  H N N 40  
ASN N    N N N 41  
ASN CA   C N S 42  
ASN C    C N N 43  
ASN O    O N N 44  
ASN CB   C N N 45  
ASN CG   C N N 46  
ASN OD1  O N N 47  
ASN ND2  N N N 48  
ASN OXT  O N N 49  
ASN H    H N N 50  
ASN H2   H N N 51  
ASN HA   H N N 52  
ASN HB2  H N N 53  
ASN HB3  H N N 54  
ASN HD21 H N N 55  
ASN HD22 H N N 56  
ASN HXT  H N N 57  
ASP N    N N N 58  
ASP CA   C N S 59  
ASP C    C N N 60  
ASP O    O N N 61  
ASP CB   C N N 62  
ASP CG   C N N 63  
ASP OD1  O N N 64  
ASP OD2  O N N 65  
ASP OXT  O N N 66  
ASP H    H N N 67  
ASP H2   H N N 68  
ASP HA   H N N 69  
ASP HB2  H N N 70  
ASP HB3  H N N 71  
ASP HD2  H N N 72  
ASP HXT  H N N 73  
GLN N    N N N 74  
GLN CA   C N S 75  
GLN C    C N N 76  
GLN O    O N N 77  
GLN CB   C N N 78  
GLN CG   C N N 79  
GLN CD   C N N 80  
GLN OE1  O N N 81  
GLN NE2  N N N 82  
GLN OXT  O N N 83  
GLN H    H N N 84  
GLN H2   H N N 85  
GLN HA   H N N 86  
GLN HB2  H N N 87  
GLN HB3  H N N 88  
GLN HG2  H N N 89  
GLN HG3  H N N 90  
GLN HE21 H N N 91  
GLN HE22 H N N 92  
GLN HXT  H N N 93  
GLU N    N N N 94  
GLU CA   C N S 95  
GLU C    C N N 96  
GLU O    O N N 97  
GLU CB   C N N 98  
GLU CG   C N N 99  
GLU CD   C N N 100 
GLU OE1  O N N 101 
GLU OE2  O N N 102 
GLU OXT  O N N 103 
GLU H    H N N 104 
GLU H2   H N N 105 
GLU HA   H N N 106 
GLU HB2  H N N 107 
GLU HB3  H N N 108 
GLU HG2  H N N 109 
GLU HG3  H N N 110 
GLU HE2  H N N 111 
GLU HXT  H N N 112 
GLY N    N N N 113 
GLY CA   C N N 114 
GLY C    C N N 115 
GLY O    O N N 116 
GLY OXT  O N N 117 
GLY H    H N N 118 
GLY H2   H N N 119 
GLY HA2  H N N 120 
GLY HA3  H N N 121 
GLY HXT  H N N 122 
HOH O    O N N 123 
HOH H1   H N N 124 
HOH H2   H N N 125 
ILE N    N N N 126 
ILE CA   C N S 127 
ILE C    C N N 128 
ILE O    O N N 129 
ILE CB   C N S 130 
ILE CG1  C N N 131 
ILE CG2  C N N 132 
ILE CD1  C N N 133 
ILE OXT  O N N 134 
ILE H    H N N 135 
ILE H2   H N N 136 
ILE HA   H N N 137 
ILE HB   H N N 138 
ILE HG12 H N N 139 
ILE HG13 H N N 140 
ILE HG21 H N N 141 
ILE HG22 H N N 142 
ILE HG23 H N N 143 
ILE HD11 H N N 144 
ILE HD12 H N N 145 
ILE HD13 H N N 146 
ILE HXT  H N N 147 
LEU N    N N N 148 
LEU CA   C N S 149 
LEU C    C N N 150 
LEU O    O N N 151 
LEU CB   C N N 152 
LEU CG   C N N 153 
LEU CD1  C N N 154 
LEU CD2  C N N 155 
LEU OXT  O N N 156 
LEU H    H N N 157 
LEU H2   H N N 158 
LEU HA   H N N 159 
LEU HB2  H N N 160 
LEU HB3  H N N 161 
LEU HG   H N N 162 
LEU HD11 H N N 163 
LEU HD12 H N N 164 
LEU HD13 H N N 165 
LEU HD21 H N N 166 
LEU HD22 H N N 167 
LEU HD23 H N N 168 
LEU HXT  H N N 169 
PHE N    N N N 170 
PHE CA   C N S 171 
PHE C    C N N 172 
PHE O    O N N 173 
PHE CB   C N N 174 
PHE CG   C Y N 175 
PHE CD1  C Y N 176 
PHE CD2  C Y N 177 
PHE CE1  C Y N 178 
PHE CE2  C Y N 179 
PHE CZ   C Y N 180 
PHE OXT  O N N 181 
PHE H    H N N 182 
PHE H2   H N N 183 
PHE HA   H N N 184 
PHE HB2  H N N 185 
PHE HB3  H N N 186 
PHE HD1  H N N 187 
PHE HD2  H N N 188 
PHE HE1  H N N 189 
PHE HE2  H N N 190 
PHE HZ   H N N 191 
PHE HXT  H N N 192 
PRO N    N N N 193 
PRO CA   C N S 194 
PRO C    C N N 195 
PRO O    O N N 196 
PRO CB   C N N 197 
PRO CG   C N N 198 
PRO CD   C N N 199 
PRO OXT  O N N 200 
PRO H    H N N 201 
PRO HA   H N N 202 
PRO HB2  H N N 203 
PRO HB3  H N N 204 
PRO HG2  H N N 205 
PRO HG3  H N N 206 
PRO HD2  H N N 207 
PRO HD3  H N N 208 
PRO HXT  H N N 209 
SER N    N N N 210 
SER CA   C N S 211 
SER C    C N N 212 
SER O    O N N 213 
SER CB   C N N 214 
SER OG   O N N 215 
SER OXT  O N N 216 
SER H    H N N 217 
SER H2   H N N 218 
SER HA   H N N 219 
SER HB2  H N N 220 
SER HB3  H N N 221 
SER HG   H N N 222 
SER HXT  H N N 223 
VAL N    N N N 224 
VAL CA   C N S 225 
VAL C    C N N 226 
VAL O    O N N 227 
VAL CB   C N N 228 
VAL CG1  C N N 229 
VAL CG2  C N N 230 
VAL OXT  O N N 231 
VAL H    H N N 232 
VAL H2   H N N 233 
VAL HA   H N N 234 
VAL HB   H N N 235 
VAL HG11 H N N 236 
VAL HG12 H N N 237 
VAL HG13 H N N 238 
VAL HG21 H N N 239 
VAL HG22 H N N 240 
VAL HG23 H N N 241 
VAL HXT  H N N 242 
# 
loop_
_chem_comp_bond.comp_id 
_chem_comp_bond.atom_id_1 
_chem_comp_bond.atom_id_2 
_chem_comp_bond.value_order 
_chem_comp_bond.pdbx_aromatic_flag 
_chem_comp_bond.pdbx_stereo_config 
_chem_comp_bond.pdbx_ordinal 
ALA N   CA   sing N N 1   
ALA N   H    sing N N 2   
ALA N   H2   sing N N 3   
ALA CA  C    sing N N 4   
ALA CA  CB   sing N N 5   
ALA CA  HA   sing N N 6   
ALA C   O    doub N N 7   
ALA C   OXT  sing N N 8   
ALA CB  HB1  sing N N 9   
ALA CB  HB2  sing N N 10  
ALA CB  HB3  sing N N 11  
ALA OXT HXT  sing N N 12  
ARG N   CA   sing N N 13  
ARG N   H    sing N N 14  
ARG N   H2   sing N N 15  
ARG CA  C    sing N N 16  
ARG CA  CB   sing N N 17  
ARG CA  HA   sing N N 18  
ARG C   O    doub N N 19  
ARG C   OXT  sing N N 20  
ARG CB  CG   sing N N 21  
ARG CB  HB2  sing N N 22  
ARG CB  HB3  sing N N 23  
ARG CG  CD   sing N N 24  
ARG CG  HG2  sing N N 25  
ARG CG  HG3  sing N N 26  
ARG CD  NE   sing N N 27  
ARG CD  HD2  sing N N 28  
ARG CD  HD3  sing N N 29  
ARG NE  CZ   sing N N 30  
ARG NE  HE   sing N N 31  
ARG CZ  NH1  sing N N 32  
ARG CZ  NH2  doub N N 33  
ARG NH1 HH11 sing N N 34  
ARG NH1 HH12 sing N N 35  
ARG NH2 HH21 sing N N 36  
ARG NH2 HH22 sing N N 37  
ARG OXT HXT  sing N N 38  
ASN N   CA   sing N N 39  
ASN N   H    sing N N 40  
ASN N   H2   sing N N 41  
ASN CA  C    sing N N 42  
ASN CA  CB   sing N N 43  
ASN CA  HA   sing N N 44  
ASN C   O    doub N N 45  
ASN C   OXT  sing N N 46  
ASN CB  CG   sing N N 47  
ASN CB  HB2  sing N N 48  
ASN CB  HB3  sing N N 49  
ASN CG  OD1  doub N N 50  
ASN CG  ND2  sing N N 51  
ASN ND2 HD21 sing N N 52  
ASN ND2 HD22 sing N N 53  
ASN OXT HXT  sing N N 54  
ASP N   CA   sing N N 55  
ASP N   H    sing N N 56  
ASP N   H2   sing N N 57  
ASP CA  C    sing N N 58  
ASP CA  CB   sing N N 59  
ASP CA  HA   sing N N 60  
ASP C   O    doub N N 61  
ASP C   OXT  sing N N 62  
ASP CB  CG   sing N N 63  
ASP CB  HB2  sing N N 64  
ASP CB  HB3  sing N N 65  
ASP CG  OD1  doub N N 66  
ASP CG  OD2  sing N N 67  
ASP OD2 HD2  sing N N 68  
ASP OXT HXT  sing N N 69  
GLN N   CA   sing N N 70  
GLN N   H    sing N N 71  
GLN N   H2   sing N N 72  
GLN CA  C    sing N N 73  
GLN CA  CB   sing N N 74  
GLN CA  HA   sing N N 75  
GLN C   O    doub N N 76  
GLN C   OXT  sing N N 77  
GLN CB  CG   sing N N 78  
GLN CB  HB2  sing N N 79  
GLN CB  HB3  sing N N 80  
GLN CG  CD   sing N N 81  
GLN CG  HG2  sing N N 82  
GLN CG  HG3  sing N N 83  
GLN CD  OE1  doub N N 84  
GLN CD  NE2  sing N N 85  
GLN NE2 HE21 sing N N 86  
GLN NE2 HE22 sing N N 87  
GLN OXT HXT  sing N N 88  
GLU N   CA   sing N N 89  
GLU N   H    sing N N 90  
GLU N   H2   sing N N 91  
GLU CA  C    sing N N 92  
GLU CA  CB   sing N N 93  
GLU CA  HA   sing N N 94  
GLU C   O    doub N N 95  
GLU C   OXT  sing N N 96  
GLU CB  CG   sing N N 97  
GLU CB  HB2  sing N N 98  
GLU CB  HB3  sing N N 99  
GLU CG  CD   sing N N 100 
GLU CG  HG2  sing N N 101 
GLU CG  HG3  sing N N 102 
GLU CD  OE1  doub N N 103 
GLU CD  OE2  sing N N 104 
GLU OE2 HE2  sing N N 105 
GLU OXT HXT  sing N N 106 
GLY N   CA   sing N N 107 
GLY N   H    sing N N 108 
GLY N   H2   sing N N 109 
GLY CA  C    sing N N 110 
GLY CA  HA2  sing N N 111 
GLY CA  HA3  sing N N 112 
GLY C   O    doub N N 113 
GLY C   OXT  sing N N 114 
GLY OXT HXT  sing N N 115 
HOH O   H1   sing N N 116 
HOH O   H2   sing N N 117 
ILE N   CA   sing N N 118 
ILE N   H    sing N N 119 
ILE N   H2   sing N N 120 
ILE CA  C    sing N N 121 
ILE CA  CB   sing N N 122 
ILE CA  HA   sing N N 123 
ILE C   O    doub N N 124 
ILE C   OXT  sing N N 125 
ILE CB  CG1  sing N N 126 
ILE CB  CG2  sing N N 127 
ILE CB  HB   sing N N 128 
ILE CG1 CD1  sing N N 129 
ILE CG1 HG12 sing N N 130 
ILE CG1 HG13 sing N N 131 
ILE CG2 HG21 sing N N 132 
ILE CG2 HG22 sing N N 133 
ILE CG2 HG23 sing N N 134 
ILE CD1 HD11 sing N N 135 
ILE CD1 HD12 sing N N 136 
ILE CD1 HD13 sing N N 137 
ILE OXT HXT  sing N N 138 
LEU N   CA   sing N N 139 
LEU N   H    sing N N 140 
LEU N   H2   sing N N 141 
LEU CA  C    sing N N 142 
LEU CA  CB   sing N N 143 
LEU CA  HA   sing N N 144 
LEU C   O    doub N N 145 
LEU C   OXT  sing N N 146 
LEU CB  CG   sing N N 147 
LEU CB  HB2  sing N N 148 
LEU CB  HB3  sing N N 149 
LEU CG  CD1  sing N N 150 
LEU CG  CD2  sing N N 151 
LEU CG  HG   sing N N 152 
LEU CD1 HD11 sing N N 153 
LEU CD1 HD12 sing N N 154 
LEU CD1 HD13 sing N N 155 
LEU CD2 HD21 sing N N 156 
LEU CD2 HD22 sing N N 157 
LEU CD2 HD23 sing N N 158 
LEU OXT HXT  sing N N 159 
PHE N   CA   sing N N 160 
PHE N   H    sing N N 161 
PHE N   H2   sing N N 162 
PHE CA  C    sing N N 163 
PHE CA  CB   sing N N 164 
PHE CA  HA   sing N N 165 
PHE C   O    doub N N 166 
PHE C   OXT  sing N N 167 
PHE CB  CG   sing N N 168 
PHE CB  HB2  sing N N 169 
PHE CB  HB3  sing N N 170 
PHE CG  CD1  doub Y N 171 
PHE CG  CD2  sing Y N 172 
PHE CD1 CE1  sing Y N 173 
PHE CD1 HD1  sing N N 174 
PHE CD2 CE2  doub Y N 175 
PHE CD2 HD2  sing N N 176 
PHE CE1 CZ   doub Y N 177 
PHE CE1 HE1  sing N N 178 
PHE CE2 CZ   sing Y N 179 
PHE CE2 HE2  sing N N 180 
PHE CZ  HZ   sing N N 181 
PHE OXT HXT  sing N N 182 
PRO N   CA   sing N N 183 
PRO N   CD   sing N N 184 
PRO N   H    sing N N 185 
PRO CA  C    sing N N 186 
PRO CA  CB   sing N N 187 
PRO CA  HA   sing N N 188 
PRO C   O    doub N N 189 
PRO C   OXT  sing N N 190 
PRO CB  CG   sing N N 191 
PRO CB  HB2  sing N N 192 
PRO CB  HB3  sing N N 193 
PRO CG  CD   sing N N 194 
PRO CG  HG2  sing N N 195 
PRO CG  HG3  sing N N 196 
PRO CD  HD2  sing N N 197 
PRO CD  HD3  sing N N 198 
PRO OXT HXT  sing N N 199 
SER N   CA   sing N N 200 
SER N   H    sing N N 201 
SER N   H2   sing N N 202 
SER CA  C    sing N N 203 
SER CA  CB   sing N N 204 
SER CA  HA   sing N N 205 
SER C   O    doub N N 206 
SER C   OXT  sing N N 207 
SER CB  OG   sing N N 208 
SER CB  HB2  sing N N 209 
SER CB  HB3  sing N N 210 
SER OG  HG   sing N N 211 
SER OXT HXT  sing N N 212 
VAL N   CA   sing N N 213 
VAL N   H    sing N N 214 
VAL N   H2   sing N N 215 
VAL CA  C    sing N N 216 
VAL CA  CB   sing N N 217 
VAL CA  HA   sing N N 218 
VAL C   O    doub N N 219 
VAL C   OXT  sing N N 220 
VAL CB  CG1  sing N N 221 
VAL CB  CG2  sing N N 222 
VAL CB  HB   sing N N 223 
VAL CG1 HG11 sing N N 224 
VAL CG1 HG12 sing N N 225 
VAL CG1 HG13 sing N N 226 
VAL CG2 HG21 sing N N 227 
VAL CG2 HG22 sing N N 228 
VAL CG2 HG23 sing N N 229 
VAL OXT HXT  sing N N 230 
# 
loop_
_pdbx_audit_support.funding_organization 
_pdbx_audit_support.country 
_pdbx_audit_support.grant_number 
_pdbx_audit_support.ordinal 
'German Research Foundation' Germany ? 1 
'SYNMIKRO (Hessen)'          Germany ? 2 
# 
_atom_sites.entry_id                    5OQZ 
_atom_sites.fract_transf_matrix[1][1]   -0.05704837 
_atom_sites.fract_transf_matrix[1][2]   0.04472313 
_atom_sites.fract_transf_matrix[1][3]   0.01717666 
_atom_sites.fract_transf_matrix[2][1]   0.01549580 
_atom_sites.fract_transf_matrix[2][2]   0.02715361 
_atom_sites.fract_transf_matrix[2][3]   -0.01923449 
_atom_sites.fract_transf_matrix[3][1]   -0.05742389 
_atom_sites.fract_transf_matrix[3][2]   -0.00007704 
_atom_sites.fract_transf_matrix[3][3]   -0.04637090 
_atom_sites.fract_transf_vector[1]      0.417292 
_atom_sites.fract_transf_vector[2]      0.565042 
_atom_sites.fract_transf_vector[3]      0.659530 
# 
loop_
_atom_type.symbol 
C 
H 
N 
O 
# 
loop_
_atom_site.group_PDB 
_atom_site.id 
_atom_site.type_symbol 
_atom_site.label_atom_id 
_atom_site.label_alt_id 
_atom_site.label_comp_id 
_atom_site.label_asym_id 
_atom_site.label_entity_id 
_atom_site.label_seq_id 
_atom_site.pdbx_PDB_ins_code 
_atom_site.Cartn_x 
_atom_site.Cartn_y 
_atom_site.Cartn_z 
_atom_site.occupancy 
_atom_site.B_iso_or_equiv 
_atom_site.pdbx_formal_charge 
_atom_site.auth_seq_id 
_atom_site.auth_comp_id 
_atom_site.auth_asym_id 
_atom_site.auth_atom_id 
_atom_site.pdbx_PDB_model_num 
ATOM   1   N N    . GLY A 1 1  ? -1.412 -5.031 0.598  1.00 3.69  ? 1   GLY A N    1 
ATOM   2   C CA   . GLY A 1 1  ? -1.811 -5.929 -0.499 1.00 4.41  ? 1   GLY A CA   1 
ATOM   3   C C    . GLY A 1 1  ? -2.860 -5.456 -1.467 1.00 4.16  ? 1   GLY A C    1 
ATOM   4   O O    . GLY A 1 1  ? -3.212 -6.223 -2.359 1.00 6.51  ? 1   GLY A O    1 
ATOM   5   H H1   . GLY A 1 1  ? -1.021 -5.635 1.316  1.00 4.24  ? 1   GLY A H1   1 
ATOM   6   H H2   . GLY A 1 1  ? -0.790 -4.386 0.264  1.00 3.35  ? 1   GLY A H2   1 
ATOM   7   H H3   . GLY A 1 1  ? -2.183 -4.587 0.963  1.00 3.35  ? 1   GLY A H3   1 
ATOM   8   H HA2  . GLY A 1 1  ? -1.037 -6.158 -1.036 1.00 4.75  ? 1   GLY A HA2  1 
ATOM   9   H HA3  . GLY A 1 1  ? -2.136 -6.757 -0.112 1.00 4.42  ? 1   GLY A HA3  1 
ATOM   10  N N    . ALA A 1 2  ? -3.375 -4.255 -1.320 1.00 5.93  ? 2   ALA A N    1 
ATOM   11  C CA   . ALA A 1 2  ? -4.357 -3.738 -2.243 1.00 8.62  ? 2   ALA A CA   1 
ATOM   12  C C    . ALA A 1 2  ? -4.029 -2.251 -2.504 1.00 5.96  ? 2   ALA A C    1 
ATOM   13  O O    . ALA A 1 2  ? -3.655 -1.555 -1.569 1.00 4.50  ? 2   ALA A O    1 
ATOM   14  C CB   . ALA A 1 2  ? -5.777 -3.877 -1.674 1.00 11.70 ? 2   ALA A CB   1 
ATOM   15  H H    . ALA A 1 2  ? -3.138 -3.618 -0.578 1.00 6.35  ? 2   ALA A H    1 
ATOM   16  H HA   . ALA A 1 2  ? -4.318 -4.233 -3.085 1.00 9.35  ? 2   ALA A HA   1 
ATOM   17  H HB1  . ALA A 1 2  ? -6.073 -4.788 -1.796 1.00 9.01  ? 2   ALA A HB1  1 
ATOM   18  H HB2  . ALA A 1 2  ? -6.370 -3.273 -2.139 1.00 9.28  ? 2   ALA A HB2  1 
ATOM   19  H HB3  . ALA A 1 2  ? -5.757 -3.659 -0.733 1.00 14.17 ? 2   ALA A HB3  1 
ATOM   20  N N    . PRO A 1 3  ? -4.173 -1.743 -3.738 1.00 5.54  ? 3   PRO A N    1 
ATOM   21  C CA   A PRO A 1 3  ? -3.851 -0.370 -4.058 0.50 4.08  ? 3   PRO A CA   1 
ATOM   22  C CA   B PRO A 1 3  ? -3.778 -0.329 -3.897 0.50 4.07  ? 3   PRO A CA   1 
ATOM   23  C C    . PRO A 1 3  ? -4.662 0.581  -3.130 1.00 2.90  ? 3   PRO A C    1 
ATOM   24  O O    . PRO A 1 3  ? -5.862 0.382  -2.999 1.00 3.58  ? 3   PRO A O    1 
ATOM   25  C CB   A PRO A 1 3  ? -4.257 -0.294 -5.527 0.50 4.93  ? 3   PRO A CB   1 
ATOM   26  C CB   B PRO A 1 3  ? -3.959 -0.002 -5.413 0.50 4.90  ? 3   PRO A CB   1 
ATOM   27  C CG   A PRO A 1 3  ? -5.303 -1.353 -5.674 0.50 5.10  ? 3   PRO A CG   1 
ATOM   28  C CG   B PRO A 1 3  ? -3.829 -1.271 -6.142 0.50 6.47  ? 3   PRO A CG   1 
ATOM   29  C CD   A PRO A 1 3  ? -4.979 -2.459 -4.732 0.50 4.78  ? 3   PRO A CD   1 
ATOM   30  C CD   B PRO A 1 3  ? -4.443 -2.276 -5.126 0.50 6.32  ? 3   PRO A CD   1 
ATOM   31  H HA   A PRO A 1 3  ? -2.891 -0.202 -3.959 0.50 3.75  ? 3   PRO A HA   1 
ATOM   32  H HA   B PRO A 1 3  ? -2.841 -0.205 -3.648 0.50 3.92  ? 3   PRO A HA   1 
ATOM   33  H HB2  A PRO A 1 3  ? -4.621 0.582  -5.728 0.50 5.95  ? 3   PRO A HB2  1 
ATOM   34  H HB2  B PRO A 1 3  ? -4.839 0.378  -5.573 0.50 5.50  ? 3   PRO A HB2  1 
ATOM   35  H HB3  A PRO A 1 3  ? -3.490 -0.490 -6.088 0.50 4.82  ? 3   PRO A HB3  1 
ATOM   36  H HB3  B PRO A 1 3  ? -3.266 0.616  -5.692 0.50 4.78  ? 3   PRO A HB3  1 
ATOM   37  H HG2  A PRO A 1 3  ? -6.169 -0.975 -5.456 0.50 5.46  ? 3   PRO A HG2  1 
ATOM   38  H HG2  B PRO A 1 3  ? -4.341 -1.238 -6.966 0.50 6.25  ? 3   PRO A HG2  1 
ATOM   39  H HG3  A PRO A 1 3  ? -5.295 -1.674 -6.585 0.50 4.51  ? 3   PRO A HG3  1 
ATOM   40  H HG3  B PRO A 1 3  ? -2.893 -1.443 -6.311 0.50 7.25  ? 3   PRO A HG3  1 
ATOM   41  H HD2  A PRO A 1 3  ? -5.799 -2.809 -4.350 0.50 4.33  ? 3   PRO A HD2  1 
ATOM   42  H HD2  B PRO A 1 3  ? -5.401 -2.330 -5.266 0.50 6.09  ? 3   PRO A HD2  1 
ATOM   43  H HD3  A PRO A 1 3  ? -4.454 -3.142 -5.179 0.50 4.96  ? 3   PRO A HD3  1 
ATOM   44  H HD3  B PRO A 1 3  ? -4.031 -3.148 -5.220 0.50 6.33  ? 3   PRO A HD3  1 
ATOM   45  N N    . SER A 1 4  ? -4.038 1.609  -2.565 1.00 2.74  ? 4   SER A N    1 
ATOM   46  C CA   . SER A 1 4  ? -4.726 2.440  -1.591 1.00 2.19  ? 4   SER A CA   1 
ATOM   47  C C    . SER A 1 4  ? -3.998 3.756  -1.408 1.00 2.47  ? 4   SER A C    1 
ATOM   48  O O    . SER A 1 4  ? -2.806 3.853  -1.676 1.00 3.73  ? 4   SER A O    1 
ATOM   49  C CB   . SER A 1 4  ? -4.739 1.701  -0.242 1.00 2.19  ? 4   SER A CB   1 
ATOM   50  O OG   . SER A 1 4  ? -5.505 2.377  0.738  1.00 2.13  ? 4   SER A OG   1 
ATOM   51  H H    . SER A 1 4  ? -3.082 1.871  -2.767 1.00 2.54  ? 4   SER A H    1 
ATOM   52  H HA   . SER A 1 4  ? -5.646 2.624  -1.868 1.00 2.23  ? 4   SER A HA   1 
ATOM   53  H HB2  . SER A 1 4  ? -5.121 0.818  -0.366 1.00 2.06  ? 4   SER A HB2  1 
ATOM   54  H HB3  . SER A 1 4  ? -3.826 1.619  0.072  1.00 2.19  ? 4   SER A HB3  1 
ATOM   55  H HG   . SER A 1 4  ? -5.492 1.957  1.443  0.00 2.14  ? 4   SER A HG   1 
ATOM   56  N N    . LEU A 1 5  ? -4.708 4.721  -0.832 1.00 2.36  ? 5   LEU A N    1 
ATOM   57  C CA   . LEU A 1 5  ? -4.071 5.870  -0.210 1.00 2.53  ? 5   LEU A CA   1 
ATOM   58  C C    . LEU A 1 5  ? -3.259 5.502  1.041  1.00 2.48  ? 5   LEU A C    1 
ATOM   59  O O    . LEU A 1 5  ? -2.321 6.231  1.389  1.00 3.51  ? 5   LEU A O    1 
ATOM   60  C CB   . LEU A 1 5  ? -5.129 6.904  0.177  1.00 2.91  ? 5   LEU A CB   1 
ATOM   61  C CG   . LEU A 1 5  ? -5.847 7.568  -1.008 1.00 3.85  ? 5   LEU A CG   1 
ATOM   62  C CD1  . LEU A 1 5  ? -7.029 8.370  -0.487 1.00 6.09  ? 5   LEU A CD1  1 
ATOM   63  C CD2  . LEU A 1 5  ? -4.902 8.454  -1.797 1.00 4.82  ? 5   LEU A CD2  1 
ATOM   64  H H    . LEU A 1 5  ? -5.718 4.706  -0.790 1.00 2.28  ? 5   LEU A H    1 
ATOM   65  H HA   . LEU A 1 5  ? -3.456 6.283  -0.849 1.00 2.67  ? 5   LEU A HA   1 
ATOM   66  H HB2  . LEU A 1 5  ? -5.799 6.472  0.728  1.00 3.14  ? 5   LEU A HB2  1 
ATOM   67  H HB3  . LEU A 1 5  ? -4.703 7.609  0.690  1.00 2.81  ? 5   LEU A HB3  1 
ATOM   68  H HG   . LEU A 1 5  ? -6.186 6.883  -1.605 1.00 3.58  ? 5   LEU A HG   1 
ATOM   69  H HD11 . LEU A 1 5  ? -7.634 7.778  -0.036 1.00 5.77  ? 5   LEU A HD11 1 
ATOM   70  H HD12 . LEU A 1 5  ? -7.473 8.792  -1.226 1.00 5.72  ? 5   LEU A HD12 1 
ATOM   71  H HD13 . LEU A 1 5  ? -6.707 9.038  0.125  1.00 6.52  ? 5   LEU A HD13 1 
ATOM   72  H HD21 . LEU A 1 5  ? -4.406 9.007  -1.188 1.00 4.63  ? 5   LEU A HD21 1 
ATOM   73  H HD22 . LEU A 1 5  ? -5.414 9.005  -2.395 1.00 4.55  ? 5   LEU A HD22 1 
ATOM   74  H HD23 . LEU A 1 5  ? -4.300 7.900  -2.302 1.00 4.74  ? 5   LEU A HD23 1 
ATOM   75  N N    . ILE A 1 6  ? -3.653 4.420  1.719  1.00 2.25  ? 6   ILE A N    1 
ATOM   76  C CA   . ILE A 1 6  ? -2.995 3.998  2.944  1.00 2.16  ? 6   ILE A CA   1 
ATOM   77  C C    . ILE A 1 6  ? -1.956 2.930  2.597  1.00 2.05  ? 6   ILE A C    1 
ATOM   78  O O    . ILE A 1 6  ? -2.307 1.818  2.203  1.00 2.79  ? 6   ILE A O    1 
ATOM   79  C CB   . ILE A 1 6  ? -3.996 3.445  3.974  1.00 2.76  ? 6   ILE A CB   1 
ATOM   80  C CG1  . ILE A 1 6  ? -5.070 4.474  4.330  1.00 3.67  ? 6   ILE A CG1  1 
ATOM   81  C CG2  . ILE A 1 6  ? -3.232 3.031  5.246  1.00 3.45  ? 6   ILE A CG2  1 
ATOM   82  C CD1  . ILE A 1 6  ? -6.102 3.950  5.321  1.00 4.78  ? 6   ILE A CD1  1 
ATOM   83  H H    . ILE A 1 6  ? -4.436 3.840  1.459  1.00 2.15  ? 6   ILE A H    1 
ATOM   84  H HA   . ILE A 1 6  ? -2.547 4.755  3.370  1.00 2.01  ? 6   ILE A HA   1 
ATOM   85  H HB   . ILE A 1 6  ? -4.432 2.662  3.602  1.00 2.69  ? 6   ILE A HB   1 
ATOM   86  H HG12 . ILE A 1 6  ? -4.643 5.250  4.726  1.00 3.89  ? 6   ILE A HG12 1 
ATOM   87  H HG13 . ILE A 1 6  ? -5.544 4.735  3.526  1.00 3.80  ? 6   ILE A HG13 1 
ATOM   88  H HG21 . ILE A 1 6  ? -2.703 2.251  5.066  1.00 3.39  ? 6   ILE A HG21 1 
ATOM   89  H HG22 . ILE A 1 6  ? -3.847 2.822  5.951  1.00 3.27  ? 6   ILE A HG22 1 
ATOM   90  H HG23 . ILE A 1 6  ? -2.662 3.755  5.517  1.00 3.63  ? 6   ILE A HG23 1 
ATOM   91  H HD11 . ILE A 1 6  ? -6.268 3.018  5.138  1.00 5.26  ? 6   ILE A HD11 1 
ATOM   92  H HD12 . ILE A 1 6  ? -6.915 4.455  5.223  1.00 4.71  ? 6   ILE A HD12 1 
ATOM   93  H HD13 . ILE A 1 6  ? -5.760 4.056  6.216  1.00 4.71  ? 6   ILE A HD13 1 
ATOM   94  N N    . ASN A 1 7  ? -0.669 3.260  2.783  1.00 1.96  ? 7   ASN A N    1 
ATOM   95  C CA   . ASN A 1 7  ? 0.407  2.315  2.487  1.00 1.84  ? 7   ASN A CA   1 
ATOM   96  C C    . ASN A 1 7  ? 0.777  1.475  3.711  1.00 1.92  ? 7   ASN A C    1 
ATOM   97  O O    . ASN A 1 7  ? 1.949  1.371  4.094  1.00 2.35  ? 7   ASN A O    1 
ATOM   98  C CB   . ASN A 1 7  ? 1.629  3.040  1.944  1.00 2.20  ? 7   ASN A CB   1 
ATOM   99  C CG   . ASN A 1 7  ? 2.694  2.069  1.443  1.00 1.91  ? 7   ASN A CG   1 
ATOM   100 O OD1  . ASN A 1 7  ? 2.416  0.948  1.037  1.00 2.11  ? 7   ASN A OD1  1 
ATOM   101 N ND2  . ASN A 1 7  ? 3.938  2.558  1.445  1.00 2.78  ? 7   ASN A ND2  1 
ATOM   102 H H    . ASN A 1 7  ? -0.360 4.156  3.131  1.00 1.74  ? 7   ASN A H    1 
ATOM   103 H HA   . ASN A 1 7  ? 0.109  1.710  1.783  1.00 1.89  ? 7   ASN A HA   1 
ATOM   104 H HB2  . ASN A 1 7  ? 1.358  3.600  1.199  1.00 2.28  ? 7   ASN A HB2  1 
ATOM   105 H HB3  . ASN A 1 7  ? 2.017  3.587  2.645  1.00 2.26  ? 7   ASN A HB3  1 
ATOM   106 H HD21 . ASN A 1 7  ? 4.685  2.002  1.139  0.00 2.80  ? 7   ASN A HD21 1 
ATOM   107 H HD22 . ASN A 1 7  ? 4.104  3.474  1.753  0.00 2.80  ? 7   ASN A HD22 1 
ATOM   108 N N    . SER A 1 8  ? -0.238 0.857  4.324  1.00 2.10  ? 8   SER A N    1 
ATOM   109 C CA   . SER A 1 8  ? -0.012 0.091  5.525  1.00 2.47  ? 8   SER A CA   1 
ATOM   110 C C    . SER A 1 8  ? 0.628  -1.286 5.286  1.00 2.70  ? 8   SER A C    1 
ATOM   111 O O    . SER A 1 8  ? 0.993  -1.947 6.258  1.00 4.27  ? 8   SER A O    1 
ATOM   112 C CB   . SER A 1 8  ? -1.297 -0.009 6.341  1.00 2.83  ? 8   SER A CB   1 
ATOM   113 O OG   . SER A 1 8  ? -2.330 -0.466 5.499  1.00 2.74  ? 8   SER A OG   1 
ATOM   114 H H    . SER A 1 8  ? -1.188 0.851  3.991  1.00 2.16  ? 8   SER A H    1 
ATOM   115 H HA   . SER A 1 8  ? 0.610  0.586  6.098  1.00 2.52  ? 8   SER A HA   1 
ATOM   116 H HB2  . SER A 1 8  ? -1.175 -0.632 7.074  1.00 2.65  ? 8   SER A HB2  1 
ATOM   117 H HB3  . SER A 1 8  ? -1.526 0.870  6.684  1.00 2.92  ? 8   SER A HB3  1 
ATOM   118 H HG   . SER A 1 8  ? -3.030 -0.526 5.921  0.00 2.75  ? 8   SER A HG   1 
ATOM   119 N N    . GLU A 1 9  ? 0.814  -1.680 4.024  1.00 2.15  ? 9   GLU A N    1 
ATOM   120 C CA   . GLU A 1 9  ? 1.724  -2.787 3.717  1.00 2.46  ? 9   GLU A CA   1 
ATOM   121 C C    . GLU A 1 9  ? 3.184  -2.343 3.723  1.00 2.20  ? 9   GLU A C    1 
ATOM   122 O O    . GLU A 1 9  ? 4.063  -3.201 3.626  1.00 3.05  ? 9   GLU A O    1 
ATOM   123 C CB   . GLU A 1 9  ? 1.441  -3.416 2.353  1.00 2.75  ? 9   GLU A CB   1 
ATOM   124 C CG   . GLU A 1 9  ? 0.069  -4.056 2.238  1.00 3.08  ? 9   GLU A CG   1 
ATOM   125 C CD   . GLU A 1 9  ? -0.138 -4.825 0.936  1.00 3.25  ? 9   GLU A CD   1 
ATOM   126 O OE1  . GLU A 1 9  ? 0.815  -5.249 0.275  1.00 4.10  ? 9   GLU A OE1  1 
ATOM   127 H H    . GLU A 1 9  ? 0.351  -1.282 3.219  1.00 2.07  ? 9   GLU A H    1 
ATOM   128 H HA   . GLU A 1 9  ? 1.623  -3.499 4.383  1.00 2.32  ? 9   GLU A HA   1 
ATOM   129 H HB2  . GLU A 1 9  ? 1.507  -2.728 1.674  1.00 2.71  ? 9   GLU A HB2  1 
ATOM   130 H HB3  . GLU A 1 9  ? 2.099  -4.108 2.185  1.00 2.57  ? 9   GLU A HB3  1 
ATOM   131 H HG2  . GLU A 1 9  ? -0.044 -4.665 2.987  1.00 3.18  ? 9   GLU A HG2  1 
ATOM   132 H HG3  . GLU A 1 9  ? -0.593 -3.352 2.285  1.00 2.86  ? 9   GLU A HG3  1 
ATOM   133 N N    . ASP A 1 10 ? 3.457  -1.034 3.776  1.00 2.03  ? 10  ASP A N    1 
ATOM   134 C CA   . ASP A 1 10 ? 4.830  -0.534 3.743  1.00 2.07  ? 10  ASP A CA   1 
ATOM   135 C C    . ASP A 1 10 ? 5.546  -0.935 2.437  1.00 1.79  ? 10  ASP A C    1 
ATOM   136 O O    . ASP A 1 10 ? 6.733  -1.246 2.421  1.00 2.17  ? 10  ASP A O    1 
ATOM   137 C CB   . ASP A 1 10 ? 5.634  -0.937 4.980  1.00 2.63  ? 10  ASP A CB   1 
ATOM   138 C CG   . ASP A 1 10 ? 5.589  0.078  6.068  1.00 3.70  ? 10  ASP A CG   1 
ATOM   139 O OD1  . ASP A 1 10 ? 5.298  1.252  5.866  1.00 7.45  ? 10  ASP A OD1  1 
ATOM   140 O OD2  . ASP A 1 10 ? 5.801  -0.383 7.234  1.00 5.06  ? 10  ASP A OD2  1 
ATOM   141 H H    . ASP A 1 10 ? 2.771  -0.303 3.828  1.00 2.01  ? 10  ASP A H    1 
ATOM   142 H HA   . ASP A 1 10 ? 4.781  0.443  3.716  1.00 2.16  ? 10  ASP A HA   1 
ATOM   143 H HB2  . ASP A 1 10 ? 5.289  -1.764 5.347  1.00 2.79  ? 10  ASP A HB2  1 
ATOM   144 H HB3  . ASP A 1 10 ? 6.569  -1.053 4.757  1.00 2.61  ? 10  ASP A HB3  1 
ATOM   145 N N    . ASN A 1 11 ? 4.800  -0.896 1.330  1.00 1.86  ? 11  ASN A N    1 
ATOM   146 C CA   . ASN A 1 11 ? 5.423  -1.173 0.045  1.00 1.91  ? 11  ASN A CA   1 
ATOM   147 C C    . ASN A 1 11 ? 6.374  -0.024 -0.316 1.00 1.84  ? 11  ASN A C    1 
ATOM   148 O O    . ASN A 1 11 ? 6.044  1.144  -0.122 1.00 2.41  ? 11  ASN A O    1 
ATOM   149 C CB   . ASN A 1 11 ? 4.337  -1.366 -1.004 1.00 2.30  ? 11  ASN A CB   1 
ATOM   150 C CG   . ASN A 1 11 ? 4.899  -1.876 -2.318 1.00 2.50  ? 11  ASN A CG   1 
ATOM   151 O OD1  . ASN A 1 11 ? 5.488  -1.132 -3.100 1.00 2.80  ? 11  ASN A OD1  1 
ATOM   152 N ND2  . ASN A 1 11 ? 4.776  -3.185 -2.538 1.00 4.43  ? 11  ASN A ND2  1 
ATOM   153 H H    . ASN A 1 11 ? 3.814  -0.673 1.302  1.00 1.98  ? 11  ASN A H    1 
ATOM   154 H HA   . ASN A 1 11 ? 5.914  -2.017 0.108  1.00 1.99  ? 11  ASN A HA   1 
ATOM   155 H HB2  . ASN A 1 11 ? 3.687  -2.007 -0.678 1.00 2.31  ? 11  ASN A HB2  1 
ATOM   156 H HB3  . ASN A 1 11 ? 3.914  -0.512 -1.155 1.00 2.54  ? 11  ASN A HB3  1 
ATOM   157 H HD21 . ASN A 1 11 ? 5.119  -3.579 -3.367 0.00 4.46  ? 11  ASN A HD21 1 
ATOM   158 H HD22 . ASN A 1 11 ? 4.343  -3.758 -1.869 0.00 4.46  ? 11  ASN A HD22 1 
ATOM   159 N N    . PRO A 1 12 ? 7.566  -0.335 -0.862 1.00 2.16  ? 12  PRO A N    1 
ATOM   160 C CA   . PRO A 1 12 ? 8.536  0.720  -1.123 1.00 2.32  ? 12  PRO A CA   1 
ATOM   161 C C    . PRO A 1 12 ? 8.316  1.444  -2.449 1.00 2.22  ? 12  PRO A C    1 
ATOM   162 O O    . PRO A 1 12 ? 9.032  2.408  -2.737 1.00 3.37  ? 12  PRO A O    1 
ATOM   163 C CB   . PRO A 1 12 ? 9.869  -0.033 -1.130 1.00 3.44  ? 12  PRO A CB   1 
ATOM   164 C CG   . PRO A 1 12 ? 9.490  -1.401 -1.651 1.00 3.64  ? 12  PRO A CG   1 
ATOM   165 C CD   . PRO A 1 12 ? 8.131  -1.688 -1.036 1.00 2.73  ? 12  PRO A CD   1 
ATOM   166 H HA   . PRO A 1 12 ? 8.553  1.377  -0.396 1.00 2.41  ? 12  PRO A HA   1 
ATOM   167 H HB2  . PRO A 1 12 ? 10.506 0.400  -1.719 1.00 3.08  ? 12  PRO A HB2  1 
ATOM   168 H HB3  . PRO A 1 12 ? 10.215 -0.094 -0.225 1.00 3.26  ? 12  PRO A HB3  1 
ATOM   169 H HG2  . PRO A 1 12 ? 9.431  -1.377 -2.619 1.00 3.74  ? 12  PRO A HG2  1 
ATOM   170 H HG3  . PRO A 1 12 ? 10.145 -2.054 -1.360 1.00 3.08  ? 12  PRO A HG3  1 
ATOM   171 H HD2  . PRO A 1 12 ? 7.595  -2.214 -1.647 1.00 3.06  ? 12  PRO A HD2  1 
ATOM   172 H HD3  . PRO A 1 12 ? 8.240  -2.124 -0.178 1.00 2.47  ? 12  PRO A HD3  1 
ATOM   173 N N    . ALA A 1 13 ? 7.353  1.004  -3.249 1.00 2.45  ? 13  ALA A N    1 
ATOM   174 C CA   . ALA A 1 13 ? 7.144  1.621  -4.571 1.00 2.98  ? 13  ALA A CA   1 
ATOM   175 C C    . ALA A 1 13 ? 5.734  2.195  -4.725 1.00 3.06  ? 13  ALA A C    1 
ATOM   176 O O    . ALA A 1 13 ? 5.592  3.354  -5.152 1.00 4.35  ? 13  ALA A O    1 
ATOM   177 C CB   . ALA A 1 13 ? 7.458  0.631  -5.667 1.00 3.66  ? 13  ALA A CB   1 
ATOM   178 H H    . ALA A 1 13 ? 6.739  0.236  -3.047 1.00 2.53  ? 13  ALA A H    1 
ATOM   179 H HA   . ALA A 1 13 ? 7.761  2.369  -4.704 1.00 3.04  ? 13  ALA A HA   1 
ATOM   180 H HB1  . ALA A 1 13 ? 8.307  0.218  -5.482 1.00 3.61  ? 13  ALA A HB1  1 
ATOM   181 H HB2  . ALA A 1 13 ? 7.495  1.097  -6.508 1.00 3.51  ? 13  ALA A HB2  1 
ATOM   182 H HB3  . ALA A 1 13 ? 6.767  -0.039 -5.692 1.00 3.77  ? 13  ALA A HB3  1 
ATOM   183 N N    . PHE A 1 14 ? 4.712  1.380  -4.438 1.00 3.07  ? 14  PHE A N    1 
ATOM   184 C CA   . PHE A 1 14 ? 3.327  1.712  -4.754 1.00 3.63  ? 14  PHE A CA   1 
ATOM   185 C C    . PHE A 1 14 ? 2.521  1.596  -3.464 1.00 3.91  ? 14  PHE A C    1 
ATOM   186 O O    . PHE A 1 14 ? 2.670  0.615  -2.765 1.00 6.09  ? 14  PHE A O    1 
ATOM   187 C CB   . PHE A 1 14 ? 2.759  0.741  -5.803 1.00 4.42  ? 14  PHE A CB   1 
ATOM   188 C CG   . PHE A 1 14 ? 3.650  0.570  -7.002 1.00 4.01  ? 14  PHE A CG   1 
ATOM   189 C CD1  . PHE A 1 14 ? 4.340  -0.595 -7.206 1.00 4.11  ? 14  PHE A CD1  1 
ATOM   190 C CD2  . PHE A 1 14 ? 3.827  1.606  -7.900 1.00 6.70  ? 14  PHE A CD2  1 
ATOM   191 C CE1  . PHE A 1 14 ? 5.179  -0.756 -8.273 1.00 4.80  ? 14  PHE A CE1  1 
ATOM   192 C CE2  . PHE A 1 14 ? 4.680  1.450  -8.991 1.00 7.95  ? 14  PHE A CE2  1 
ATOM   193 C CZ   . PHE A 1 14 ? 5.357  0.267  -9.159 1.00 5.63  ? 14  PHE A CZ   1 
ATOM   194 H H    . PHE A 1 14 ? 4.821  0.478  -4.002 1.00 3.05  ? 14  PHE A H    1 
ATOM   195 H HA   . PHE A 1 14 ? 3.257  2.620  -5.112 1.00 3.69  ? 14  PHE A HA   1 
ATOM   196 H HB2  . PHE A 1 14 ? 2.625  -0.129 -5.392 1.00 4.28  ? 14  PHE A HB2  1 
ATOM   197 H HB3  . PHE A 1 14 ? 1.911  1.086  -6.119 1.00 3.80  ? 14  PHE A HB3  1 
ATOM   198 H HD1  . PHE A 1 14 ? 4.241  -1.296 -6.602 1.00 4.16  ? 14  PHE A HD1  1 
ATOM   199 H HD2  . PHE A 1 14 ? 3.378  2.410  -7.775 1.00 5.90  ? 14  PHE A HD2  1 
ATOM   200 H HE1  . PHE A 1 14 ? 5.632  -1.559 -8.393 1.00 4.76  ? 14  PHE A HE1  1 
ATOM   201 H HE2  . PHE A 1 14 ? 4.795  2.145  -9.597 1.00 5.96  ? 14  PHE A HE2  1 
ATOM   202 H HZ   . PHE A 1 14 ? 5.917  0.154  -9.894 1.00 5.47  ? 14  PHE A HZ   1 
ATOM   203 N N    . PRO A 1 15 ? 1.660  2.557  -3.121 1.00 3.32  ? 15  PRO A N    1 
ATOM   204 C CA   . PRO A 1 15 ? 0.964  2.452  -1.834 1.00 3.50  ? 15  PRO A CA   1 
ATOM   205 C C    . PRO A 1 15 ? -0.029 1.274  -1.833 1.00 3.11  ? 15  PRO A C    1 
ATOM   206 O O    . PRO A 1 15 ? -0.885 1.157  -2.713 1.00 3.67  ? 15  PRO A O    1 
ATOM   207 C CB   . PRO A 1 15 ? 0.264  3.813  -1.696 1.00 4.50  ? 15  PRO A CB   1 
ATOM   208 C CG   . PRO A 1 15 ? 0.087  4.311  -3.112 1.00 4.50  ? 15  PRO A CG   1 
ATOM   209 C CD   . PRO A 1 15 ? 1.322  3.801  -3.831 1.00 3.93  ? 15  PRO A CD   1 
ATOM   210 H HA   . PRO A 1 15 ? 1.612  2.355  -1.109 1.00 3.35  ? 15  PRO A HA   1 
ATOM   211 H HB2  . PRO A 1 15 ? -0.580 3.702  -1.243 1.00 3.57  ? 15  PRO A HB2  1 
ATOM   212 H HB3  . PRO A 1 15 ? 0.835  4.417  -1.200 1.00 3.47  ? 15  PRO A HB3  1 
ATOM   213 H HG2  . PRO A 1 15 ? -0.719 3.933  -3.496 1.00 4.33  ? 15  PRO A HG2  1 
ATOM   214 H HG3  . PRO A 1 15 ? 0.058  5.281  -3.118 1.00 4.54  ? 15  PRO A HG3  1 
ATOM   215 H HD2  . PRO A 1 15 ? 1.113  3.612  -4.760 1.00 3.94  ? 15  PRO A HD2  1 
ATOM   216 H HD3  . PRO A 1 15 ? 2.047  4.441  -3.749 1.00 3.98  ? 15  PRO A HD3  1 
ATOM   217 N N    . GLN A 1 16 ? 0.088  0.444  -0.790 1.00 2.59  ? 16  GLN A N    1 
ATOM   218 C CA   . GLN A 1 16 ? -0.723 -0.761 -0.677 1.00 2.32  ? 16  GLN A CA   1 
ATOM   219 C C    . GLN A 1 16 ? -1.178 -0.907 0.771  1.00 2.03  ? 16  GLN A C    1 
ATOM   220 O O    . GLN A 1 16 ? -0.363 -0.737 1.685  1.00 2.10  ? 16  GLN A O    1 
ATOM   221 C CB   . GLN A 1 16 ? 0.098  -2.010 -1.060 1.00 3.65  ? 16  GLN A CB   1 
ATOM   222 C CG   . GLN A 1 16 ? 0.632  -1.972 -2.481 1.00 4.91  ? 16  GLN A CG   1 
ATOM   223 C CD   . GLN A 1 16 ? -0.395 -2.348 -3.514 1.00 3.93  ? 16  GLN A CD   1 
ATOM   224 O OE1  . GLN A 1 16 ? -1.174 -3.243 -3.315 1.00 4.74  ? 16  GLN A OE1  1 
ATOM   225 N NE2  . GLN A 1 16 ? -0.404 -1.688 -4.669 1.00 7.10  ? 16  GLN A NE2  1 
ATOM   226 H H    . GLN A 1 16 ? 0.747  0.578  -0.040 1.00 2.40  ? 16  GLN A H    1 
ATOM   227 H HA   . GLN A 1 16 ? -1.501 -0.708 -1.261 1.00 2.45  ? 16  GLN A HA   1 
ATOM   228 H HB2  . GLN A 1 16 ? 0.855  -2.090 -0.459 1.00 3.43  ? 16  GLN A HB2  1 
ATOM   229 H HB3  . GLN A 1 16 ? -0.474 -2.781 -0.975 1.00 3.70  ? 16  GLN A HB3  1 
ATOM   230 H HG2  . GLN A 1 16 ? 0.953  -1.091 -2.696 1.00 4.98  ? 16  GLN A HG2  1 
ATOM   231 H HG3  . GLN A 1 16 ? 1.362  -2.608 -2.552 1.00 5.19  ? 16  GLN A HG3  1 
ATOM   232 H HE21 . GLN A 1 16 ? -0.983 -1.888 -5.273 0.00 7.11  ? 16  GLN A HE21 1 
ATOM   233 H HE22 . GLN A 1 16 ? 0.168  -1.062 -4.812 0.00 7.11  ? 16  GLN A HE22 1 
ATOM   234 N N    . ARG A 1 17 ? -2.450 -1.267 0.960  1.00 2.40  ? 17  ARG A N    1 
ATOM   235 C CA   . ARG A 1 17 ? -3.068 -1.340 2.279  1.00 2.38  ? 17  ARG A CA   1 
ATOM   236 C C    . ARG A 1 17 ? -3.152 -2.776 2.784  1.00 2.42  ? 17  ARG A C    1 
ATOM   237 O O    . ARG A 1 17 ? -3.497 -3.690 2.017  1.00 3.16  ? 17  ARG A O    1 
ATOM   238 C CB   . ARG A 1 17 ? -4.460 -0.741 2.185  1.00 2.70  ? 17  ARG A CB   1 
ATOM   239 C CG   . ARG A 1 17 ? -5.195 -0.615 3.520  1.00 2.61  ? 17  ARG A CG   1 
ATOM   240 C CD   . ARG A 1 17 ? -6.587 -0.097 3.224  1.00 2.91  ? 17  ARG A CD   1 
ATOM   241 N NE   . ARG A 1 17 ? -7.315 0.260  4.433  1.00 3.11  ? 17  ARG A NE   1 
ATOM   242 C CZ   . ARG A 1 17 ? -8.412 0.990  4.402  1.00 3.08  ? 17  ARG A CZ   1 
ATOM   243 N NH1  . ARG A 1 17 ? -8.924 1.379  3.231  1.00 3.45  ? 17  ARG A NH1  1 
ATOM   244 N NH2  . ARG A 1 17 ? -9.017 1.302  5.535  1.00 4.32  ? 17  ARG A NH2  1 
ATOM   245 H H    . ARG A 1 17 ? -3.072 -1.499 0.200  1.00 2.36  ? 17  ARG A H    1 
ATOM   246 H HA   . ARG A 1 17 ? -2.559 -0.800 2.916  1.00 2.34  ? 17  ARG A HA   1 
ATOM   247 H HB2  . ARG A 1 17 ? -4.377 0.150  1.825  1.00 2.60  ? 17  ARG A HB2  1 
ATOM   248 H HB3  . ARG A 1 17 ? -5.000 -1.289 1.594  1.00 2.89  ? 17  ARG A HB3  1 
ATOM   249 H HG2  . ARG A 1 17 ? -5.277 -1.476 3.948  1.00 2.66  ? 17  ARG A HG2  1 
ATOM   250 H HG3  . ARG A 1 17 ? -4.736 0.019  4.093  1.00 2.86  ? 17  ARG A HG3  1 
ATOM   251 H HD2  . ARG A 1 17 ? -6.489 0.697  2.676  1.00 2.89  ? 17  ARG A HD2  1 
ATOM   252 H HD3  . ARG A 1 17 ? -7.093 -0.777 2.751  1.00 3.27  ? 17  ARG A HD3  1 
ATOM   253 H HE   . ARG A 1 17 ? -7.140 -0.273 5.228  1.00 2.78  ? 17  ARG A HE   1 
ATOM   254 H HH11 . ARG A 1 17 ? -8.553 1.188  2.483  1.00 3.13  ? 17  ARG A HH11 1 
ATOM   255 H HH12 . ARG A 1 17 ? -9.646 1.845  3.222  1.00 3.03  ? 17  ARG A HH12 1 
ATOM   256 H HH21 . ARG A 1 17 ? -8.693 1.042  6.287  1.00 3.44  ? 17  ARG A HH21 1 
ATOM   257 H HH22 . ARG A 1 17 ? -9.743 1.764  5.525  1.00 3.69  ? 17  ARG A HH22 1 
ATOM   258 N N    . VAL A 1 18 ? -2.866 -2.960 4.057  1.00 2.79  ? 18  VAL A N    1 
ATOM   259 C CA   . VAL A 1 18 ? -2.964 -4.256 4.717  1.00 3.39  ? 18  VAL A CA   1 
ATOM   260 C C    . VAL A 1 18 ? -4.390 -4.518 5.221  1.00 3.61  ? 18  VAL A C    1 
ATOM   261 O O    . VAL A 1 18 ? -5.251 -3.619 5.184  1.00 5.00  ? 18  VAL A O    1 
ATOM   262 C CB   . VAL A 1 18 ? -1.892 -4.284 5.834  1.00 5.11  ? 18  VAL A CB   1 
ATOM   263 C CG1  . VAL A 1 18 ? -2.396 -3.498 7.031  1.00 6.15  ? 18  VAL A CG1  1 
ATOM   264 C CG2  . VAL A 1 18 ? -1.447 -5.684 6.189  1.00 5.55  ? 18  VAL A CG2  1 
ATOM   265 O OXT  . VAL A 1 18 ? -4.616 -5.685 5.621  1.00 4.51  ? 18  VAL A OXT  1 
ATOM   266 H H    . VAL A 1 18 ? -2.559 -2.198 4.643  1.00 2.90  ? 18  VAL A H    1 
ATOM   267 H HA   . VAL A 1 18 ? -2.738 -4.969 4.084  1.00 3.48  ? 18  VAL A HA   1 
ATOM   268 H HB   . VAL A 1 18 ? -1.095 -3.818 5.508  1.00 4.97  ? 18  VAL A HB   1 
ATOM   269 H HG11 . VAL A 1 18 ? -2.872 -2.711 6.754  1.00 5.71  ? 18  VAL A HG11 1 
ATOM   270 H HG12 . VAL A 1 18 ? -1.636 -3.239 7.562  1.00 6.03  ? 18  VAL A HG12 1 
ATOM   271 H HG13 . VAL A 1 18 ? -2.974 -4.060 7.558  1.00 6.14  ? 18  VAL A HG13 1 
ATOM   272 H HG21 . VAL A 1 18 ? -2.180 -6.155 6.591  1.00 5.70  ? 18  VAL A HG21 1 
ATOM   273 H HG22 . VAL A 1 18 ? -0.716 -5.629 6.809  1.00 5.58  ? 18  VAL A HG22 1 
ATOM   274 H HG23 . VAL A 1 18 ? -1.164 -6.137 5.390  1.00 5.45  ? 18  VAL A HG23 1 
HETATM 275 O O    . HOH B 2 .  ? 3.342  -2.376 7.509  1.00 12.63 ? 101 HOH A O    1 
HETATM 276 O O    . HOH B 2 .  ? 6.464  -4.291 4.204  1.00 2.72  ? 102 HOH A O    1 
HETATM 277 O O    . HOH B 2 .  ? -6.712 -3.907 2.810  1.00 15.65 ? 103 HOH A O    1 
HETATM 278 O O    A HOH B 2 .  ? -4.687 -6.311 2.067  0.50 9.00  ? 104 HOH A O    1 
HETATM 279 O O    B HOH B 2 .  ? -3.802 -6.570 1.918  0.50 11.97 ? 104 HOH A O    1 
HETATM 280 O O    . HOH B 2 .  ? 7.017  3.837  -0.651 1.00 3.46  ? 105 HOH A O    1 
HETATM 281 O O    . HOH B 2 .  ? 6.804  5.057  -3.099 1.00 4.08  ? 106 HOH A O    1 
HETATM 282 O O    A HOH B 2 .  ? 6.543  -4.064 -5.008 0.50 2.92  ? 107 HOH A O    1 
HETATM 283 O O    B HOH B 2 .  ? 6.314  -2.935 -5.311 0.50 16.09 ? 107 HOH A O    1 
HETATM 284 O O    . HOH B 2 .  ? 9.247  -3.345 -4.717 1.00 7.94  ? 108 HOH A O    1 
HETATM 285 O O    . HOH B 2 .  ? -8.259 -7.528 1.663  1.00 8.79  ? 109 HOH A O    1 
HETATM 286 O O    A HOH B 2 .  ? -0.957 5.420  8.405  0.50 13.29 ? 110 HOH A O    1 
HETATM 287 O O    B HOH B 2 .  ? -0.019 3.598  7.512  0.50 10.86 ? 110 HOH A O    1 
HETATM 288 O O    . HOH B 2 .  ? -3.529 5.382  8.206  1.00 5.65  ? 111 HOH A O    1 
HETATM 289 O O    A HOH B 2 .  ? 0.037  3.604  11.428 0.50 8.40  ? 112 HOH A O    1 
HETATM 290 O O    B HOH B 2 .  ? -0.466 3.851  10.886 0.50 9.97  ? 112 HOH A O    1 
# 
loop_
_atom_site_anisotrop.id 
_atom_site_anisotrop.type_symbol 
_atom_site_anisotrop.pdbx_label_atom_id 
_atom_site_anisotrop.pdbx_label_alt_id 
_atom_site_anisotrop.pdbx_label_comp_id 
_atom_site_anisotrop.pdbx_label_asym_id 
_atom_site_anisotrop.pdbx_label_seq_id 
_atom_site_anisotrop.pdbx_PDB_ins_code 
_atom_site_anisotrop.U[1][1] 
_atom_site_anisotrop.U[2][2] 
_atom_site_anisotrop.U[3][3] 
_atom_site_anisotrop.U[1][2] 
_atom_site_anisotrop.U[1][3] 
_atom_site_anisotrop.U[2][3] 
_atom_site_anisotrop.pdbx_auth_seq_id 
_atom_site_anisotrop.pdbx_auth_comp_id 
_atom_site_anisotrop.pdbx_auth_asym_id 
_atom_site_anisotrop.pdbx_auth_atom_id 
1   N N    . GLY A 1  ? 0.0502 0.0249 0.0650 -0.0015 0.0114  -0.0177 1   GLY A N    
2   C CA   . GLY A 1  ? 0.0695 0.0290 0.0692 0.0104  -0.0001 -0.0224 1   GLY A CA   
3   C C    . GLY A 1  ? 0.0479 0.0399 0.0702 0.0076  0.0119  -0.0127 1   GLY A C    
4   O O    . GLY A 1  ? 0.0861 0.0795 0.0813 0.0400  -0.0242 -0.0370 1   GLY A O    
5   H H1   . GLY A 1  ? 0.0575 0.0368 0.0668 0.0019  0.0088  -0.0133 1   GLY A H1   
6   H H2   . GLY A 1  ? 0.0445 0.0357 0.0471 0.0013  0.0051  -0.0070 1   GLY A H2   
7   H H3   . GLY A 1  ? 0.0331 0.0368 0.0573 0.0015  -0.0024 -0.0056 1   GLY A H3   
8   H HA2  . GLY A 1  ? 0.0615 0.0551 0.0637 -0.0029 0.0044  -0.0060 1   GLY A HA2  
9   H HA3  . GLY A 1  ? 0.0570 0.0509 0.0597 0.0032  0.0122  -0.0123 1   GLY A HA3  
10  N N    . ALA A 2  ? 0.0402 0.0277 0.1573 -0.0011 -0.0195 -0.0090 2   ALA A N    
11  C CA   . ALA A 2  ? 0.0723 0.0391 0.2158 -0.0084 -0.0712 -0.0092 2   ALA A CA   
12  C C    . ALA A 2  ? 0.0501 0.0366 0.1397 0.0011  -0.0392 -0.0235 2   ALA A C    
13  O O    . ALA A 2  ? 0.0426 0.0357 0.0924 -0.0055 -0.0228 0.0014  2   ALA A O    
14  C CB   . ALA A 2  ? 0.0814 0.0724 0.2908 -0.0170 -0.0427 0.0415  2   ALA A CB   
15  H H    . ALA A 2  ? 0.0614 0.0603 0.1192 -0.0101 -0.0037 -0.0062 2   ALA A H    
16  H HA   . ALA A 2  ? 0.1029 0.0532 0.1990 -0.0134 -0.0274 -0.0003 2   ALA A HA   
17  H HB1  . ALA A 2  ? 0.0674 0.0884 0.1862 -0.0143 0.0146  -0.0301 2   ALA A HB1  
18  H HB2  . ALA A 2  ? 0.0781 0.0808 0.1936 0.0053  -0.0073 0.0132  2   ALA A HB2  
19  H HB3  . ALA A 2  ? 0.1633 0.0859 0.2891 -0.0153 -0.0238 0.0140  2   ALA A HB3  
20  N N    . PRO A 3  ? 0.0597 0.0431 0.1075 0.0058  -0.0373 -0.0446 3   PRO A N    
21  C CA   A PRO A 3  ? 0.0443 0.0605 0.0501 0.0026  -0.0032 -0.0264 3   PRO A CA   
22  C CA   B PRO A 3  ? 0.0470 0.0560 0.0517 -0.0050 -0.0031 -0.0352 3   PRO A CA   
23  C C    . PRO A 3  ? 0.0364 0.0353 0.0383 -0.0051 0.0022  -0.0077 3   PRO A C    
24  O O    . PRO A 3  ? 0.0368 0.0461 0.0527 -0.0097 0.0023  -0.0128 3   PRO A O    
25  C CB   A PRO A 3  ? 0.0542 0.0824 0.0506 -0.0176 -0.0061 -0.0290 3   PRO A CB   
26  C CB   B PRO A 3  ? 0.0383 0.1022 0.0453 -0.0206 -0.0013 -0.0435 3   PRO A CB   
27  C CG   A PRO A 3  ? 0.0690 0.0616 0.0630 -0.0162 0.0071  -0.0338 3   PRO A CG   
28  C CG   B PRO A 3  ? 0.0907 0.0932 0.0615 -0.0349 0.0001  -0.0454 3   PRO A CG   
29  C CD   A PRO A 3  ? 0.0422 0.0612 0.0781 -0.0203 -0.0050 -0.0380 3   PRO A CD   
30  C CD   B PRO A 3  ? 0.0798 0.0698 0.0902 -0.0233 -0.0134 -0.0361 3   PRO A CD   
31  H HA   A PRO A 3  ? 0.0469 0.0506 0.0447 -0.0065 0.0013  -0.0142 3   PRO A HA   
32  H HA   B PRO A 3  ? 0.0466 0.0541 0.0478 -0.0077 -0.0008 -0.0210 3   PRO A HA   
33  H HB2  A PRO A 3  ? 0.0675 0.0901 0.0684 -0.0094 0.0004  -0.0132 3   PRO A HB2  
34  H HB2  B PRO A 3  ? 0.0510 0.0854 0.0724 -0.0100 0.0047  -0.0190 3   PRO A HB2  
35  H HB3  A PRO A 3  ? 0.0528 0.0657 0.0643 -0.0147 -0.0007 -0.0160 3   PRO A HB3  
36  H HB3  B PRO A 3  ? 0.0716 0.0694 0.0405 -0.0113 0.0034  -0.0151 3   PRO A HB3  
37  H HG2  A PRO A 3  ? 0.0589 0.0695 0.0790 -0.0167 -0.0003 -0.0200 3   PRO A HG2  
38  H HG2  B PRO A 3  ? 0.0847 0.0884 0.0642 -0.0254 0.0014  -0.0343 3   PRO A HG2  
39  H HG3  A PRO A 3  ? 0.0437 0.0733 0.0544 -0.0178 0.0008  -0.0231 3   PRO A HG3  
40  H HG3  B PRO A 3  ? 0.0890 0.0896 0.0966 -0.0274 -0.0037 -0.0297 3   PRO A HG3  
41  H HD2  A PRO A 3  ? 0.0560 0.0566 0.0518 -0.0137 -0.0015 -0.0153 3   PRO A HD2  
42  H HD2  B PRO A 3  ? 0.0766 0.0750 0.0796 -0.0168 -0.0021 -0.0285 3   PRO A HD2  
43  H HD3  A PRO A 3  ? 0.0445 0.0566 0.0871 -0.0052 -0.0083 -0.0217 3   PRO A HD3  
44  H HD3  B PRO A 3  ? 0.0661 0.0852 0.0888 -0.0061 -0.0071 -0.0132 3   PRO A HD3  
45  N N    . SER A 4  ? 0.0347 0.0329 0.0363 -0.0045 0.0072  -0.0078 4   SER A N    
46  C CA   . SER A 4  ? 0.0294 0.0238 0.0297 0.0000  0.0012  -0.0003 4   SER A CA   
47  C C    . SER A 4  ? 0.0320 0.0239 0.0378 -0.0021 0.0052  0.0024  4   SER A C    
48  O O    . SER A 4  ? 0.0366 0.0384 0.0666 -0.0098 0.0195  -0.0114 4   SER A O    
49  C CB   . SER A 4  ? 0.0296 0.0227 0.0308 -0.0013 0.0015  0.0000  4   SER A CB   
50  O OG   . SER A 4  ? 0.0285 0.0202 0.0321 -0.0034 0.0040  0.0006  4   SER A OG   
51  H H    . SER A 4  ? 0.0324 0.0327 0.0313 -0.0036 0.0014  -0.0044 4   SER A H    
52  H HA   . SER A 4  ? 0.0292 0.0259 0.0297 -0.0023 -0.0004 -0.0007 4   SER A HA   
53  H HB2  . SER A 4  ? 0.0265 0.0236 0.0278 -0.0008 0.0006  -0.0013 4   SER A HB2  
54  H HB3  . SER A 4  ? 0.0309 0.0237 0.0286 -0.0018 -0.0006 -0.0002 4   SER A HB3  
55  H HG   . SER A 4  ? 0.0271 0.0271 0.0271 0.0000  0.0000  0.0000  4   SER A HG   
56  N N    . LEU A 5  ? 0.0296 0.0199 0.0400 -0.0023 0.0050  0.0049  5   LEU A N    
57  C CA   . LEU A 5  ? 0.0356 0.0191 0.0414 -0.0010 0.0029  0.0032  5   LEU A CA   
58  C C    . LEU A 5  ? 0.0279 0.0192 0.0469 0.0024  -0.0008 -0.0029 5   LEU A C    
59  O O    . LEU A 5  ? 0.0380 0.0290 0.0661 -0.0096 -0.0080 0.0050  5   LEU A O    
60  C CB   . LEU A 5  ? 0.0363 0.0189 0.0553 0.0018  -0.0029 0.0015  5   LEU A CB   
61  C CG   . LEU A 5  ? 0.0543 0.0246 0.0673 -0.0017 -0.0172 0.0065  5   LEU A CG   
62  C CD1  . LEU A 5  ? 0.0572 0.0509 0.1232 0.0181  -0.0129 0.0165  5   LEU A CD1  
63  C CD2  . LEU A 5  ? 0.0695 0.0398 0.0735 -0.0072 -0.0135 0.0156  5   LEU A CD2  
64  H H    . LEU A 5  ? 0.0292 0.0267 0.0305 -0.0005 0.0006  0.0021  5   LEU A H    
65  H HA   . LEU A 5  ? 0.0310 0.0305 0.0398 0.0007  0.0049  0.0007  5   LEU A HA   
66  H HB2  . LEU A 5  ? 0.0403 0.0347 0.0439 0.0025  -0.0012 0.0026  5   LEU A HB2  
67  H HB3  . LEU A 5  ? 0.0335 0.0310 0.0419 -0.0015 -0.0003 0.0000  5   LEU A HB3  
68  H HG   . LEU A 5  ? 0.0449 0.0373 0.0537 -0.0030 -0.0028 0.0001  5   LEU A HG   
69  H HD11 . LEU A 5  ? 0.0649 0.0635 0.0905 0.0123  -0.0098 0.0068  5   LEU A HD11 
70  H HD12 . LEU A 5  ? 0.0672 0.0542 0.0959 0.0080  -0.0061 0.0099  5   LEU A HD12 
71  H HD13 . LEU A 5  ? 0.0728 0.0817 0.0930 -0.0008 0.0050  0.0107  5   LEU A HD13 
72  H HD21 . LEU A 5  ? 0.0642 0.0493 0.0622 -0.0039 -0.0025 0.0067  5   LEU A HD21 
73  H HD22 . LEU A 5  ? 0.0649 0.0420 0.0656 -0.0029 -0.0098 0.0102  5   LEU A HD22 
74  H HD23 . LEU A 5  ? 0.0793 0.0360 0.0648 -0.0107 -0.0148 0.0058  5   LEU A HD23 
75  N N    . ILE A 6  ? 0.0243 0.0201 0.0409 0.0035  -0.0021 -0.0022 6   ILE A N    
76  C CA   . ILE A 6  ? 0.0236 0.0192 0.0390 0.0026  -0.0014 -0.0033 6   ILE A CA   
77  C C    . ILE A 6  ? 0.0243 0.0194 0.0339 0.0028  -0.0003 -0.0034 6   ILE A C    
78  O O    . ILE A 6  ? 0.0278 0.0244 0.0538 0.0039  -0.0091 -0.0140 6   ILE A O    
79  C CB   . ILE A 6  ? 0.0334 0.0311 0.0404 0.0008  0.0064  -0.0042 6   ILE A CB   
80  C CG1  . ILE A 6  ? 0.0393 0.0488 0.0512 0.0096  0.0109  -0.0077 6   ILE A CG1  
81  C CG2  . ILE A 6  ? 0.0476 0.0468 0.0368 0.0033  0.0059  -0.0002 6   ILE A CG2  
82  C CD1  . ILE A 6  ? 0.0500 0.0781 0.0534 0.0038  0.0158  -0.0052 6   ILE A CD1  
83  H H    . ILE A 6  ? 0.0236 0.0212 0.0369 0.0026  -0.0008 0.0000  6   ILE A H    
84  H HA   . ILE A 6  ? 0.0209 0.0229 0.0325 -0.0004 0.0004  -0.0018 6   ILE A HA   
85  H HB   . ILE A 6  ? 0.0308 0.0326 0.0386 0.0006  0.0017  -0.0016 6   ILE A HB   
86  H HG12 . ILE A 6  ? 0.0431 0.0514 0.0533 0.0028  0.0044  -0.0014 6   ILE A HG12 
87  H HG13 . ILE A 6  ? 0.0413 0.0499 0.0530 0.0057  0.0067  -0.0077 6   ILE A HG13 
88  H HG21 . ILE A 6  ? 0.0437 0.0422 0.0430 0.0002  0.0013  0.0010  6   ILE A HG21 
89  H HG22 . ILE A 6  ? 0.0413 0.0416 0.0412 0.0015  0.0050  -0.0013 6   ILE A HG22 
90  H HG23 . ILE A 6  ? 0.0459 0.0482 0.0438 0.0027  0.0032  -0.0002 6   ILE A HG23 
91  H HD11 . ILE A 6  ? 0.0582 0.0748 0.0665 0.0040  0.0026  0.0017  6   ILE A HD11 
92  H HD12 . ILE A 6  ? 0.0528 0.0682 0.0577 0.0002  0.0032  -0.0014 6   ILE A HD12 
93  H HD13 . ILE A 6  ? 0.0556 0.0640 0.0593 0.0037  0.0064  -0.0037 6   ILE A HD13 
94  N N    . ASN A 7  ? 0.0227 0.0185 0.0333 0.0024  0.0022  -0.0074 7   ASN A N    
95  C CA   . ASN A 7  ? 0.0245 0.0153 0.0301 0.0011  0.0057  -0.0056 7   ASN A CA   
96  C C    . ASN A 7  ? 0.0263 0.0185 0.0282 0.0032  0.0035  -0.0078 7   ASN A C    
97  O O    . ASN A 7  ? 0.0260 0.0285 0.0345 0.0028  0.0019  -0.0098 7   ASN A O    
98  C CB   . ASN A 7  ? 0.0257 0.0193 0.0382 0.0001  0.0057  -0.0021 7   ASN A CB   
99  C CG   . ASN A 7  ? 0.0224 0.0205 0.0292 -0.0003 0.0058  0.0010  7   ASN A CG   
100 O OD1  . ASN A 7  ? 0.0252 0.0241 0.0306 0.0023  0.0046  -0.0056 7   ASN A OD1  
101 N ND2  . ASN A 7  ? 0.0241 0.0296 0.0516 -0.0038 0.0100  -0.0047 7   ASN A ND2  
102 H H    . ASN A 7  ? 0.0189 0.0194 0.0275 -0.0023 0.0007  -0.0020 7   ASN A H    
103 H HA   . ASN A 7  ? 0.0212 0.0216 0.0287 -0.0005 -0.0003 -0.0035 7   ASN A HA   
104 H HB2  . ASN A 7  ? 0.0264 0.0262 0.0338 0.0027  0.0040  -0.0038 7   ASN A HB2  
105 H HB3  . ASN A 7  ? 0.0246 0.0273 0.0336 -0.0016 0.0029  0.0005  7   ASN A HB3  
106 H HD21 . ASN A 7  ? 0.0353 0.0353 0.0353 0.0000  0.0000  0.0000  7   ASN A HD21 
107 H HD22 . ASN A 7  ? 0.0353 0.0353 0.0353 0.0000  0.0000  0.0000  7   ASN A HD22 
108 N N    . SER A 8  ? 0.0289 0.0266 0.0243 0.0035  0.0055  -0.0038 8   SER A N    
109 C CA   . SER A 8  ? 0.0329 0.0392 0.0216 0.0042  0.0033  -0.0016 8   SER A CA   
110 C C    . SER A 8  ? 0.0329 0.0425 0.0271 0.0093  0.0071  0.0055  8   SER A C    
111 O O    . SER A 8  ? 0.0550 0.0764 0.0307 0.0282  0.0032  0.0128  8   SER A O    
112 C CB   . SER A 8  ? 0.0371 0.0442 0.0260 0.0050  0.0079  -0.0003 8   SER A CB   
113 O OG   . SER A 8  ? 0.0339 0.0363 0.0336 0.0010  0.0105  -0.0015 8   SER A OG   
114 H H    . SER A 8  ? 0.0316 0.0271 0.0234 0.0025  0.0012  -0.0036 8   SER A H    
115 H HA   . SER A 8  ? 0.0327 0.0370 0.0258 0.0030  0.0028  -0.0009 8   SER A HA   
116 H HB2  . SER A 8  ? 0.0323 0.0389 0.0292 0.0016  0.0043  -0.0009 8   SER A HB2  
117 H HB3  . SER A 8  ? 0.0385 0.0386 0.0339 0.0017  0.0014  0.0013  8   SER A HB3  
118 H HG   . SER A 8  ? 0.0348 0.0348 0.0348 0.0000  0.0000  0.0000  8   SER A HG   
119 N N    . GLU A 9  ? 0.0253 0.0272 0.0289 0.0070  0.0067  0.0040  9   GLU A N    
120 C CA   . GLU A 9  ? 0.0287 0.0282 0.0362 0.0081  0.0091  0.0039  9   GLU A CA   
121 C C    . GLU A 9  ? 0.0279 0.0314 0.0243 0.0076  0.0038  0.0013  9   GLU A C    
122 O O    . GLU A 9  ? 0.0324 0.0350 0.0482 0.0123  -0.0001 0.0007  9   GLU A O    
123 C CB   . GLU A 9  ? 0.0355 0.0275 0.0414 0.0032  0.0065  -0.0015 9   GLU A CB   
124 C CG   . GLU A 9  ? 0.0408 0.0222 0.0538 -0.0010 0.0106  -0.0085 9   GLU A CG   
125 C CD   . GLU A 9  ? 0.0493 0.0180 0.0562 0.0069  0.0083  -0.0101 9   GLU A CD   
126 O OE1  . GLU A 9  ? 0.0589 0.0404 0.0562 0.0127  0.0116  -0.0163 9   GLU A OE1  
127 H H    . GLU A 9  ? 0.0205 0.0286 0.0292 0.0037  0.0035  0.0014  9   GLU A H    
128 H HA   . GLU A 9  ? 0.0274 0.0281 0.0325 0.0061  0.0045  0.0022  9   GLU A HA   
129 H HB2  . GLU A 9  ? 0.0342 0.0287 0.0400 0.0044  0.0040  -0.0012 9   GLU A HB2  
130 H HB3  . GLU A 9  ? 0.0312 0.0262 0.0401 0.0022  -0.0010 -0.0002 9   GLU A HB3  
131 H HG2  . GLU A 9  ? 0.0428 0.0278 0.0501 0.0036  0.0048  -0.0066 9   GLU A HG2  
132 H HG3  . GLU A 9  ? 0.0332 0.0289 0.0463 0.0000  -0.0007 -0.0015 9   GLU A HG3  
133 N N    . ASP A 10 ? 0.0271 0.0316 0.0181 0.0072  0.0039  0.0010  10  ASP A N    
134 C CA   . ASP A 10 ? 0.0285 0.0281 0.0219 0.0045  0.0003  -0.0038 10  ASP A CA   
135 C C    . ASP A 10 ? 0.0262 0.0210 0.0207 0.0026  0.0000  -0.0028 10  ASP A C    
136 O O    . ASP A 10 ? 0.0269 0.0338 0.0215 0.0061  0.0007  -0.0048 10  ASP A O    
137 C CB   . ASP A 10 ? 0.0330 0.0465 0.0203 0.0061  0.0004  -0.0013 10  ASP A CB   
138 C CG   . ASP A 10 ? 0.0547 0.0630 0.0228 -0.0160 0.0034  -0.0097 10  ASP A CG   
139 O OD1  . ASP A 10 ? 0.1753 0.0654 0.0424 0.0002  -0.0170 -0.0211 10  ASP A OD1  
140 O OD2  . ASP A 10 ? 0.1027 0.0674 0.0220 -0.0264 -0.0017 -0.0069 10  ASP A OD2  
141 H H    . ASP A 10 ? 0.0270 0.0270 0.0221 0.0050  -0.0017 0.0003  10  ASP A H    
142 H HA   . ASP A 10 ? 0.0308 0.0280 0.0233 0.0020  -0.0002 0.0006  10  ASP A HA   
143 H HB2  . ASP A 10 ? 0.0356 0.0486 0.0217 0.0029  0.0022  -0.0005 10  ASP A HB2  
144 H HB3  . ASP A 10 ? 0.0314 0.0362 0.0312 0.0016  0.0003  -0.0006 10  ASP A HB3  
145 N N    . ASN A 11 ? 0.0270 0.0258 0.0178 0.0037  0.0020  -0.0019 11  ASN A N    
146 C CA   . ASN A 11 ? 0.0280 0.0264 0.0179 0.0022  0.0032  -0.0009 11  ASN A CA   
147 C C    . ASN A 11 ? 0.0257 0.0280 0.0161 0.0012  0.0014  -0.0031 11  ASN A C    
148 O O    . ASN A 11 ? 0.0302 0.0261 0.0350 0.0011  0.0099  0.0002  11  ASN A O    
149 C CB   . ASN A 11 ? 0.0301 0.0355 0.0216 -0.0026 0.0012  -0.0010 11  ASN A CB   
150 C CG   . ASN A 11 ? 0.0339 0.0399 0.0211 -0.0048 0.0020  -0.0025 11  ASN A CG   
151 O OD1  . ASN A 11 ? 0.0372 0.0482 0.0210 -0.0010 0.0072  0.0027  11  ASN A OD1  
152 N ND2  . ASN A 11 ? 0.0726 0.0467 0.0490 -0.0235 0.0160  -0.0183 11  ASN A ND2  
153 H H    . ASN A 11 ? 0.0265 0.0253 0.0235 0.0022  -0.0004 0.0001  11  ASN A H    
154 H HA   . ASN A 11 ? 0.0284 0.0257 0.0213 0.0012  0.0000  -0.0001 11  ASN A HA   
155 H HB2  . ASN A 11 ? 0.0311 0.0330 0.0237 -0.0021 0.0017  -0.0017 11  ASN A HB2  
156 H HB3  . ASN A 11 ? 0.0343 0.0353 0.0270 -0.0015 0.0006  -0.0011 11  ASN A HB3  
157 H HD21 . ASN A 11 ? 0.0564 0.0564 0.0564 0.0000  0.0000  0.0000  11  ASN A HD21 
158 H HD22 . ASN A 11 ? 0.0564 0.0564 0.0564 0.0000  0.0000  0.0000  11  ASN A HD22 
159 N N    . PRO A 12 ? 0.0263 0.0326 0.0229 0.0020  0.0044  0.0010  12  PRO A N    
160 C CA   . PRO A 12 ? 0.0256 0.0394 0.0232 -0.0019 0.0057  0.0016  12  PRO A CA   
161 C C    . PRO A 12 ? 0.0277 0.0330 0.0235 0.0016  0.0086  0.0000  12  PRO A C    
162 O O    . PRO A 12 ? 0.0415 0.0483 0.0382 -0.0116 0.0076  0.0045  12  PRO A O    
163 C CB   . PRO A 12 ? 0.0283 0.0623 0.0398 0.0066  0.0056  0.0066  12  PRO A CB   
164 C CG   . PRO A 12 ? 0.0387 0.0516 0.0480 0.0172  0.0183  0.0074  12  PRO A CG   
165 C CD   . PRO A 12 ? 0.0368 0.0372 0.0297 0.0097  0.0092  0.0051  12  PRO A CD   
166 H HA   . PRO A 12 ? 0.0281 0.0369 0.0263 0.0003  0.0040  0.0009  12  PRO A HA   
167 H HB2  . PRO A 12 ? 0.0310 0.0435 0.0424 0.0049  0.0053  0.0019  12  PRO A HB2  
168 H HB3  . PRO A 12 ? 0.0381 0.0471 0.0384 0.0057  0.0048  0.0039  12  PRO A HB3  
169 H HG2  . PRO A 12 ? 0.0458 0.0464 0.0496 0.0091  0.0021  0.0058  12  PRO A HG2  
170 H HG3  . PRO A 12 ? 0.0391 0.0354 0.0426 0.0032  0.0008  0.0015  12  PRO A HG3  
171 H HD2  . PRO A 12 ? 0.0358 0.0474 0.0330 0.0036  0.0072  0.0056  12  PRO A HD2  
172 H HD3  . PRO A 12 ? 0.0270 0.0374 0.0295 0.0050  0.0043  0.0040  12  PRO A HD3  
173 N N    . ALA A 13 ? 0.0309 0.0381 0.0242 -0.0023 0.0038  0.0086  13  ALA A N    
174 C CA   . ALA A 13 ? 0.0381 0.0508 0.0240 -0.0070 0.0043  0.0123  13  ALA A CA   
175 C C    . ALA A 13 ? 0.0383 0.0486 0.0293 -0.0045 0.0043  0.0151  13  ALA A C    
176 O O    . ALA A 13 ? 0.0527 0.0502 0.0623 -0.0031 -0.0057 0.0223  13  ALA A O    
177 C CB   . ALA A 13 ? 0.0342 0.0778 0.0270 -0.0040 0.0126  0.0007  13  ALA A CB   
178 H H    . ALA A 13 ? 0.0289 0.0369 0.0300 -0.0036 0.0024  0.0014  13  ALA A H    
179 H HA   . ALA A 13 ? 0.0349 0.0460 0.0344 -0.0052 -0.0005 0.0033  13  ALA A HA   
180 H HB1  . ALA A 13 ? 0.0410 0.0617 0.0343 -0.0031 0.0088  0.0043  13  ALA A HB1  
181 H HB2  . ALA A 13 ? 0.0412 0.0573 0.0348 -0.0024 0.0037  0.0027  13  ALA A HB2  
182 H HB3  . ALA A 13 ? 0.0452 0.0599 0.0378 -0.0007 0.0051  0.0018  13  ALA A HB3  
183 N N    . PHE A 14 ? 0.0310 0.0511 0.0344 0.0006  0.0061  0.0155  14  PHE A N    
184 C CA   . PHE A 14 ? 0.0325 0.0628 0.0422 0.0071  0.0069  0.0225  14  PHE A CA   
185 C C    . PHE A 14 ? 0.0298 0.0727 0.0459 0.0013  0.0069  0.0319  14  PHE A C    
186 O O    . PHE A 14 ? 0.0400 0.1094 0.0817 0.0281  0.0266  0.0680  14  PHE A O    
187 C CB   . PHE A 14 ? 0.0433 0.0734 0.0511 -0.0074 -0.0038 0.0215  14  PHE A CB   
188 C CG   . PHE A 14 ? 0.0561 0.0491 0.0471 -0.0081 -0.0035 0.0164  14  PHE A CG   
189 C CD1  . PHE A 14 ? 0.0598 0.0405 0.0557 -0.0142 -0.0142 0.0059  14  PHE A CD1  
190 C CD2  . PHE A 14 ? 0.1492 0.0558 0.0494 0.0129  0.0246  0.0228  14  PHE A CD2  
191 C CE1  . PHE A 14 ? 0.0651 0.0537 0.0634 -0.0067 -0.0125 -0.0047 14  PHE A CE1  
192 C CE2  . PHE A 14 ? 0.1673 0.0742 0.0605 0.0099  0.0369  0.0110  14  PHE A CE2  
193 C CZ   . PHE A 14 ? 0.0890 0.0685 0.0565 -0.0156 0.0134  -0.0073 14  PHE A CZ   
194 H H    . PHE A 14 ? 0.0345 0.0394 0.0417 0.0005  -0.0008 0.0044  14  PHE A H    
195 H HA   . PHE A 14 ? 0.0380 0.0495 0.0524 0.0016  -0.0016 0.0078  14  PHE A HA   
196 H HB2  . PHE A 14 ? 0.0497 0.0572 0.0557 0.0026  -0.0062 0.0088  14  PHE A HB2  
197 H HB3  . PHE A 14 ? 0.0461 0.0531 0.0452 0.0021  0.0041  0.0087  14  PHE A HB3  
198 H HD1  . PHE A 14 ? 0.0618 0.0445 0.0516 -0.0050 -0.0150 0.0077  14  PHE A HD1  
199 H HD2  . PHE A 14 ? 0.1069 0.0593 0.0579 0.0066  0.0038  0.0203  14  PHE A HD2  
200 H HE1  . PHE A 14 ? 0.0635 0.0594 0.0577 -0.0026 -0.0008 0.0004  14  PHE A HE1  
201 H HE2  . PHE A 14 ? 0.1164 0.0554 0.0544 0.0128  -0.0182 0.0044  14  PHE A HE2  
202 H HZ   . PHE A 14 ? 0.0879 0.0658 0.0539 -0.0077 0.0107  -0.0020 14  PHE A HZ   
203 N N    . PRO A 15 ? 0.0365 0.0577 0.0316 -0.0127 0.0074  0.0133  15  PRO A N    
204 C CA   . PRO A 15 ? 0.0320 0.0715 0.0294 -0.0228 0.0049  0.0023  15  PRO A CA   
205 C C    . PRO A 15 ? 0.0347 0.0626 0.0208 -0.0186 0.0058  -0.0040 15  PRO A C    
206 O O    . PRO A 15 ? 0.0415 0.0686 0.0291 -0.0207 -0.0026 -0.0031 15  PRO A O    
207 C CB   . PRO A 15 ? 0.0499 0.0658 0.0548 -0.0251 0.0156  -0.0159 15  PRO A CB   
208 C CG   . PRO A 15 ? 0.0509 0.0530 0.0671 -0.0044 0.0129  -0.0058 15  PRO A CG   
209 C CD   . PRO A 15 ? 0.0527 0.0494 0.0470 -0.0040 0.0128  0.0065  15  PRO A CD   
210 H HA   . PRO A 15 ? 0.0425 0.0605 0.0241 -0.0118 0.0055  0.0039  15  PRO A HA   
211 H HB2  . PRO A 15 ? 0.0382 0.0516 0.0455 -0.0118 0.0042  -0.0104 15  PRO A HB2  
212 H HB3  . PRO A 15 ? 0.0428 0.0370 0.0520 -0.0046 0.0025  -0.0038 15  PRO A HB3  
213 H HG2  . PRO A 15 ? 0.0533 0.0580 0.0532 0.0005  0.0052  -0.0008 15  PRO A HG2  
214 H HG3  . PRO A 15 ? 0.0557 0.0530 0.0637 -0.0054 0.0060  -0.0045 15  PRO A HG3  
215 H HD2  . PRO A 15 ? 0.0487 0.0490 0.0518 -0.0044 0.0035  0.0046  15  PRO A HD2  
216 H HD3  . PRO A 15 ? 0.0482 0.0540 0.0489 -0.0013 0.0024  0.0020  15  PRO A HD3  
217 N N    . GLN A 16 ? 0.0280 0.0483 0.0220 -0.0120 0.0077  -0.0088 16  GLN A N    
218 C CA   . GLN A 16 ? 0.0278 0.0351 0.0250 -0.0027 0.0012  -0.0129 16  GLN A CA   
219 C C    . GLN A 16 ? 0.0297 0.0188 0.0284 -0.0024 0.0044  -0.0054 16  GLN A C    
220 O O    . GLN A 16 ? 0.0328 0.0218 0.0252 0.0002  0.0040  -0.0032 16  GLN A O    
221 C CB   . GLN A 16 ? 0.0426 0.0538 0.0422 0.0131  -0.0045 -0.0270 16  GLN A CB   
222 C CG   . GLN A 16 ? 0.0514 0.0775 0.0575 -0.0097 0.0168  -0.0440 16  GLN A CG   
223 C CD   . GLN A 16 ? 0.0692 0.0500 0.0300 -0.0082 0.0158  -0.0205 16  GLN A CD   
224 O OE1  . GLN A 16 ? 0.0774 0.0781 0.0245 -0.0304 0.0033  -0.0187 16  GLN A OE1  
225 N NE2  . GLN A 16 ? 0.1650 0.0654 0.0394 -0.0191 0.0253  -0.0087 16  GLN A NE2  
226 H H    . GLN A 16 ? 0.0240 0.0415 0.0256 -0.0056 0.0057  -0.0062 16  GLN A H    
227 H HA   . GLN A 16 ? 0.0278 0.0366 0.0286 -0.0005 0.0005  -0.0102 16  GLN A HA   
228 H HB2  . GLN A 16 ? 0.0396 0.0512 0.0393 0.0110  0.0008  -0.0137 16  GLN A HB2  
229 H HB3  . GLN A 16 ? 0.0515 0.0565 0.0326 0.0109  0.0091  -0.0078 16  GLN A HB3  
230 H HG2  . GLN A 16 ? 0.0615 0.0801 0.0474 0.0020  0.0049  -0.0102 16  GLN A HG2  
231 H HG3  . GLN A 16 ? 0.0555 0.0758 0.0658 -0.0031 0.0034  -0.0093 16  GLN A HG3  
232 H HE21 . GLN A 16 ? 0.0900 0.0900 0.0900 0.0000  0.0000  0.0000  16  GLN A HE21 
233 H HE22 . GLN A 16 ? 0.0900 0.0900 0.0900 0.0000  0.0000  0.0000  16  GLN A HE22 
234 N N    . ARG A 17 ? 0.0310 0.0288 0.0311 -0.0041 0.0045  -0.0010 17  ARG A N    
235 C CA   . ARG A 17 ? 0.0324 0.0246 0.0331 -0.0031 0.0072  -0.0027 17  ARG A CA   
236 C C    . ARG A 17 ? 0.0314 0.0237 0.0366 0.0039  0.0112  -0.0020 17  ARG A C    
237 O O    . ARG A 17 ? 0.0478 0.0257 0.0466 -0.0038 0.0084  -0.0052 17  ARG A O    
238 C CB   . ARG A 17 ? 0.0362 0.0302 0.0360 0.0028  0.0068  0.0027  17  ARG A CB   
239 C CG   . ARG A 17 ? 0.0335 0.0322 0.0333 0.0055  0.0031  0.0024  17  ARG A CG   
240 C CD   . ARG A 17 ? 0.0378 0.0408 0.0319 0.0103  0.0009  0.0016  17  ARG A CD   
241 N NE   . ARG A 17 ? 0.0383 0.0458 0.0341 0.0126  0.0036  0.0044  17  ARG A NE   
242 C CZ   . ARG A 17 ? 0.0407 0.0416 0.0347 0.0128  0.0013  0.0049  17  ARG A CZ   
243 N NH1  . ARG A 17 ? 0.0462 0.0503 0.0344 0.0179  0.0036  0.0097  17  ARG A NH1  
244 N NH2  . ARG A 17 ? 0.0581 0.0689 0.0368 0.0258  0.0072  0.0032  17  ARG A NH2  
245 H H    . ARG A 17 ? 0.0278 0.0278 0.0339 -0.0023 0.0026  0.0004  17  ARG A H    
246 H HA   . ARG A 17 ? 0.0281 0.0291 0.0316 -0.0007 0.0022  0.0004  17  ARG A HA   
247 H HB2  . ARG A 17 ? 0.0352 0.0285 0.0351 0.0038  0.0029  0.0007  17  ARG A HB2  
248 H HB3  . ARG A 17 ? 0.0350 0.0390 0.0357 0.0012  0.0037  0.0031  17  ARG A HB3  
249 H HG2  . ARG A 17 ? 0.0345 0.0311 0.0353 0.0029  0.0029  0.0013  17  ARG A HG2  
250 H HG3  . ARG A 17 ? 0.0357 0.0390 0.0341 0.0017  0.0018  0.0016  17  ARG A HG3  
251 H HD2  . ARG A 17 ? 0.0346 0.0383 0.0369 0.0029  0.0029  0.0000  17  ARG A HD2  
252 H HD3  . ARG A 17 ? 0.0406 0.0459 0.0374 0.0035  0.0021  0.0010  17  ARG A HD3  
253 H HE   . ARG A 17 ? 0.0315 0.0394 0.0346 0.0050  0.0043  0.0043  17  ARG A HE   
254 H HH11 . ARG A 17 ? 0.0465 0.0423 0.0302 0.0091  0.0005  0.0090  17  ARG A HH11 
255 H HH12 . ARG A 17 ? 0.0425 0.0414 0.0309 0.0119  -0.0032 0.0046  17  ARG A HH12 
256 H HH21 . ARG A 17 ? 0.0410 0.0510 0.0387 0.0094  0.0078  0.0055  17  ARG A HH21 
257 H HH22 . ARG A 17 ? 0.0485 0.0539 0.0378 0.0129  -0.0017 0.0051  17  ARG A HH22 
258 N N    . VAL A 18 ? 0.0364 0.0263 0.0431 0.0033  0.0053  0.0023  18  VAL A N    
259 C CA   . VAL A 18 ? 0.0519 0.0262 0.0507 0.0055  0.0018  0.0052  18  VAL A CA   
260 C C    . VAL A 18 ? 0.0650 0.0313 0.0408 0.0073  0.0194  0.0048  18  VAL A C    
261 O O    . VAL A 18 ? 0.0666 0.0418 0.0815 0.0141  0.0352  0.0102  18  VAL A O    
262 C CB   . VAL A 18 ? 0.0694 0.0579 0.0666 -0.0088 -0.0143 0.0116  18  VAL A CB   
263 C CG1  . VAL A 18 ? 0.1275 0.0571 0.0490 -0.0116 -0.0239 0.0155  18  VAL A CG1  
264 C CG2  . VAL A 18 ? 0.0691 0.0747 0.0670 0.0141  -0.0001 0.0125  18  VAL A CG2  
265 O OXT  . VAL A 18 ? 0.0773 0.0389 0.0550 0.0014  0.0210  0.0130  18  VAL A OXT  
266 H H    . VAL A 18 ? 0.0365 0.0349 0.0385 0.0001  0.0028  0.0009  18  VAL A H    
267 H HA   . VAL A 18 ? 0.0537 0.0330 0.0453 0.0008  0.0025  0.0025  18  VAL A HA   
268 H HB   . VAL A 18 ? 0.0629 0.0622 0.0639 -0.0007 -0.0042 0.0018  18  VAL A HB   
269 H HG11 . VAL A 18 ? 0.0904 0.0702 0.0562 0.0029  -0.0071 0.0028  18  VAL A HG11 
270 H HG12 . VAL A 18 ? 0.1018 0.0665 0.0608 -0.0045 -0.0122 0.0096  18  VAL A HG12 
271 H HG13 . VAL A 18 ? 0.0842 0.0796 0.0693 -0.0081 -0.0093 -0.0021 18  VAL A HG13 
272 H HG21 . VAL A 18 ? 0.0709 0.0704 0.0750 0.0054  -0.0034 0.0057  18  VAL A HG21 
273 H HG22 . VAL A 18 ? 0.0729 0.0694 0.0695 0.0044  -0.0020 0.0081  18  VAL A HG22 
274 H HG23 . VAL A 18 ? 0.0706 0.0670 0.0694 0.0059  -0.0029 0.0076  18  VAL A HG23 
275 O O    . HOH B .  ? 0.1059 0.2102 0.1637 0.0992  -0.0861 -0.1311 101 HOH A O    
276 O O    . HOH B .  ? 0.0279 0.0310 0.0442 0.0022  -0.0015 -0.0003 102 HOH A O    
277 O O    . HOH B .  ? 0.1984 0.2943 0.1020 -0.0008 -0.0053 0.0097  103 HOH A O    
278 O O    A HOH B .  ? 0.2242 0.0564 0.0613 -0.0574 0.0217  -0.0087 104 HOH A O    
279 O O    B HOH B .  ? 0.1876 0.0929 0.1741 -0.0712 0.1196  -0.0549 104 HOH A O    
280 O O    . HOH B .  ? 0.0460 0.0363 0.0488 0.0043  0.0122  0.0039  105 HOH A O    
281 O O    . HOH B .  ? 0.0720 0.0264 0.0565 0.0100  0.0114  0.0024  106 HOH A O    
282 O O    A HOH B .  ? 0.0492 0.0285 0.0329 -0.0113 0.0161  -0.0129 107 HOH A O    
283 O O    B HOH B .  ? 0.2063 0.2857 0.1192 0.1524  -0.0700 -0.0790 107 HOH A O    
284 O O    . HOH B .  ? 0.0897 0.1296 0.0822 0.0284  -0.0023 -0.0508 108 HOH A O    
285 O O    . HOH B .  ? 0.1036 0.0623 0.1678 -0.0023 -0.0670 -0.0165 109 HOH A O    
286 O O    A HOH B .  ? 0.0886 0.3161 0.1002 0.0802  -0.0106 0.0370  110 HOH A O    
287 O O    B HOH B .  ? 0.1063 0.1777 0.1285 -0.0493 -0.0026 -0.0130 110 HOH A O    
288 O O    . HOH B .  ? 0.0886 0.0433 0.0828 0.0029  0.0278  0.0130  111 HOH A O    
289 O O    A HOH B .  ? 0.0914 0.0417 0.1858 -0.0205 0.0904  -0.0512 112 HOH A O    
290 O O    B HOH B .  ? 0.1459 0.1369 0.0958 -0.1128 0.1000  -0.0885 112 HOH A O    
# 
